data_7S3Z
#
_entry.id   7S3Z
#
_cell.length_a   52.173
_cell.length_b   111.893
_cell.length_c   164.775
_cell.angle_alpha   90.000
_cell.angle_beta   90.000
_cell.angle_gamma   90.000
#
_symmetry.space_group_name_H-M   'P 21 21 21'
#
loop_
_entity.id
_entity.type
_entity.pdbx_description
1 polymer 'Nitric oxide synthase, brain'
2 non-polymer 'PROTOPORPHYRIN IX CONTAINING FE'
3 non-polymer 5,6,7,8-TETRAHYDROBIOPTERIN
4 non-polymer 7-{[3-(2-{[(6-aminopyridin-2-yl)methyl]amino}ethoxy)phenoxy]methyl}quinolin-2-amine
5 non-polymer 'ACETATE ION'
6 non-polymer 'ZINC ION'
7 water water
#
_entity_poly.entity_id   1
_entity_poly.type   'polypeptide(L)'
_entity_poly.pdbx_seq_one_letter_code
;CPRFLKVKNWETDVVLTDTLHLKSTLETGCTEHICMGSIMLPSQHTRKPEDVRTKDQLFPLAKEFLDQYYSSIKRFGSKA
HMDRLEEVNKEIESTSTYQLKDTELIYGAKHAWRNASRCVGRIQWSKLQVFDARDCTTAHGMFNYICNHVKYATNKGNLR
SAITIFPQRTDGKHDFRVWNSQLIRYAGYKQPDGSTLGDPANVQFTEICIQQGWKAPRGRFDVLPLLLQANGNDPELFQI
PPELVLEVPIRHPKFDWFKDLGLKWYGLPAVSNMLLEIGGLEFSACPFSGWYMGTEIGVRDYCDNSRYNILEEVAKKMDL
DMRKTSSLWKDQALVEINIAVLYSFQSDKVTIVDHHSATESFIKHMENEYRCRGGCPADWVWIVPPMSGSITPVFHQEML
NYRLTPSFEYQPDPWNTHVWKG
;
_entity_poly.pdbx_strand_id   A,B
#
loop_
_chem_comp.id
_chem_comp.type
_chem_comp.name
_chem_comp.formula
ACT non-polymer 'ACETATE ION' 'C2 H3 O2 -1'
H4B non-polymer 5,6,7,8-TETRAHYDROBIOPTERIN 'C9 H15 N5 O3'
HEM non-polymer 'PROTOPORPHYRIN IX CONTAINING FE' 'C34 H32 Fe N4 O4'
V0P non-polymer 7-{[3-(2-{[(6-aminopyridin-2-yl)methyl]amino}ethoxy)phenoxy]methyl}quinolin-2-amine 'C24 H25 N5 O2'
ZN non-polymer 'ZINC ION' 'Zn 2'
#
# COMPACT_ATOMS: atom_id res chain seq x y z
N ARG A 3 14.77 8.07 -18.48
CA ARG A 3 14.48 6.65 -18.35
C ARG A 3 15.46 5.96 -17.38
N PHE A 4 16.21 6.77 -16.64
CA PHE A 4 17.00 6.31 -15.50
C PHE A 4 16.24 6.83 -14.28
N LEU A 5 15.33 5.99 -13.77
CA LEU A 5 14.31 6.43 -12.83
C LEU A 5 14.88 6.66 -11.44
N LYS A 6 14.19 7.49 -10.66
CA LYS A 6 14.63 7.80 -9.31
C LYS A 6 13.51 7.53 -8.32
N VAL A 7 13.90 7.04 -7.14
CA VAL A 7 12.99 6.79 -6.02
C VAL A 7 13.45 7.63 -4.85
N LYS A 8 12.51 8.30 -4.20
CA LYS A 8 12.79 9.16 -3.06
C LYS A 8 12.19 8.56 -1.80
N ASN A 9 12.94 8.64 -0.69
CA ASN A 9 12.39 8.37 0.64
C ASN A 9 11.95 9.70 1.24
N TRP A 10 10.65 9.86 1.51
CA TRP A 10 10.11 11.14 1.93
C TRP A 10 10.33 11.43 3.41
N GLU A 11 10.80 10.44 4.18
CA GLU A 11 11.20 10.66 5.56
C GLU A 11 12.62 11.25 5.63
N THR A 12 13.52 10.76 4.78
CA THR A 12 14.94 11.10 4.82
C THR A 12 15.45 11.89 3.63
N ASP A 13 14.64 12.09 2.59
CA ASP A 13 15.01 12.73 1.33
C ASP A 13 16.09 11.97 0.56
N VAL A 14 16.48 10.77 1.00
CA VAL A 14 17.45 9.99 0.24
C VAL A 14 16.85 9.64 -1.11
N VAL A 15 17.62 9.86 -2.18
CA VAL A 15 17.17 9.57 -3.54
C VAL A 15 18.10 8.53 -4.15
N LEU A 16 17.52 7.47 -4.70
CA LEU A 16 18.27 6.41 -5.36
C LEU A 16 17.90 6.39 -6.84
N THR A 17 18.86 6.04 -7.69
CA THR A 17 18.64 6.01 -9.12
C THR A 17 18.62 4.55 -9.58
N ASP A 18 17.56 4.17 -10.30
CA ASP A 18 17.34 2.79 -10.69
C ASP A 18 17.68 2.62 -12.17
N THR A 19 18.67 1.78 -12.46
CA THR A 19 18.95 1.35 -13.82
C THR A 19 18.65 -0.12 -14.03
N LEU A 20 18.51 -0.89 -12.95
CA LEU A 20 18.27 -2.32 -13.06
C LEU A 20 16.99 -2.62 -13.82
N HIS A 21 15.99 -1.75 -13.71
CA HIS A 21 14.70 -2.01 -14.35
C HIS A 21 14.82 -2.16 -15.86
N LEU A 22 15.83 -1.53 -16.47
CA LEU A 22 16.06 -1.70 -17.89
C LEU A 22 16.43 -3.14 -18.25
N LYS A 23 16.90 -3.93 -17.29
CA LYS A 23 17.13 -5.34 -17.53
C LYS A 23 15.85 -6.16 -17.44
N SER A 24 14.72 -5.55 -17.08
CA SER A 24 13.48 -6.28 -16.91
C SER A 24 12.95 -6.80 -18.25
N THR A 25 12.32 -7.97 -18.19
CA THR A 25 11.86 -8.65 -19.39
C THR A 25 10.34 -8.87 -19.38
N LEU A 26 9.83 -9.49 -18.33
CA LEU A 26 8.40 -9.81 -18.23
C LEU A 26 7.58 -8.53 -18.03
N GLU A 27 6.26 -8.67 -18.03
CA GLU A 27 5.35 -7.54 -18.01
C GLU A 27 4.59 -7.46 -16.69
N THR A 28 4.30 -6.20 -16.27
CA THR A 28 3.70 -5.95 -14.96
C THR A 28 2.19 -6.07 -14.93
N GLY A 29 1.53 -5.92 -16.08
CA GLY A 29 0.09 -5.81 -16.13
C GLY A 29 -0.44 -4.40 -16.19
N CYS A 30 0.36 -3.42 -15.76
CA CYS A 30 -0.09 -2.03 -15.91
C CYS A 30 0.07 -1.56 -17.36
N THR A 31 -0.54 -0.42 -17.66
CA THR A 31 -0.31 0.31 -18.90
C THR A 31 -0.18 1.79 -18.55
N GLU A 32 0.05 2.62 -19.55
CA GLU A 32 0.07 4.06 -19.28
C GLU A 32 -1.30 4.59 -18.90
N HIS A 33 -2.37 3.84 -19.19
CA HIS A 33 -3.71 4.30 -18.86
C HIS A 33 -4.28 3.66 -17.59
N ILE A 34 -3.71 2.56 -17.09
CA ILE A 34 -4.26 1.97 -15.89
C ILE A 34 -3.15 1.30 -15.09
N CYS A 35 -3.19 1.49 -13.78
CA CYS A 35 -2.24 0.86 -12.88
C CYS A 35 -2.92 -0.29 -12.16
N MET A 36 -2.35 -1.49 -12.30
CA MET A 36 -2.84 -2.69 -11.64
C MET A 36 -2.02 -3.06 -10.42
N GLY A 37 -1.39 -2.09 -9.76
CA GLY A 37 -0.48 -2.39 -8.66
C GLY A 37 -1.12 -3.07 -7.46
N SER A 38 -2.45 -3.11 -7.38
CA SER A 38 -3.12 -3.76 -6.25
C SER A 38 -3.90 -4.99 -6.69
N ILE A 39 -3.71 -5.44 -7.92
CA ILE A 39 -4.26 -6.71 -8.37
C ILE A 39 -3.35 -7.82 -7.84
N MET A 40 -3.95 -8.81 -7.18
CA MET A 40 -3.16 -9.89 -6.59
C MET A 40 -2.47 -10.73 -7.66
N LEU A 41 -3.18 -11.04 -8.75
CA LEU A 41 -2.68 -11.90 -9.82
C LEU A 41 -3.00 -11.32 -11.19
N PRO A 42 -2.06 -10.66 -11.85
CA PRO A 42 -2.11 -10.62 -13.32
C PRO A 42 -1.50 -11.89 -13.91
N SER A 43 -1.16 -11.85 -15.20
CA SER A 43 -0.71 -12.96 -16.08
C SER A 43 -1.80 -13.22 -17.12
N ASP A 51 0.87 -25.53 -23.25
CA ASP A 51 1.56 -25.36 -21.98
C ASP A 51 3.08 -25.43 -22.15
N VAL A 52 3.55 -26.51 -22.80
CA VAL A 52 4.98 -26.74 -22.92
C VAL A 52 5.65 -25.60 -23.71
N ARG A 53 6.93 -25.37 -23.43
CA ARG A 53 7.71 -24.36 -24.12
C ARG A 53 8.29 -24.94 -25.40
N THR A 54 8.17 -24.20 -26.50
CA THR A 54 8.71 -24.64 -27.76
C THR A 54 10.23 -24.61 -27.73
N LYS A 55 10.85 -25.37 -28.65
CA LYS A 55 12.30 -25.34 -28.77
C LYS A 55 12.79 -23.91 -29.03
N ASP A 56 11.96 -23.08 -29.67
CA ASP A 56 12.33 -21.73 -30.03
C ASP A 56 12.62 -20.86 -28.81
N GLN A 57 11.57 -20.43 -28.10
CA GLN A 57 11.76 -19.46 -27.03
C GLN A 57 12.66 -19.97 -25.91
N LEU A 58 13.05 -21.24 -25.91
CA LEU A 58 13.88 -21.72 -24.82
C LEU A 58 15.31 -21.17 -24.91
N PHE A 59 15.91 -21.18 -26.10
CA PHE A 59 17.31 -20.77 -26.17
C PHE A 59 17.58 -19.30 -25.83
N PRO A 60 16.76 -18.33 -26.26
CA PRO A 60 16.99 -16.96 -25.75
C PRO A 60 16.93 -16.89 -24.24
N LEU A 61 16.00 -17.63 -23.63
CA LEU A 61 15.90 -17.63 -22.18
C LEU A 61 17.15 -18.20 -21.53
N ALA A 62 17.72 -19.25 -22.12
CA ALA A 62 18.92 -19.85 -21.54
C ALA A 62 20.13 -18.94 -21.72
N LYS A 63 20.24 -18.29 -22.89
CA LYS A 63 21.36 -17.39 -23.15
C LYS A 63 21.32 -16.19 -22.21
N GLU A 64 20.14 -15.62 -22.01
CA GLU A 64 20.02 -14.50 -21.09
C GLU A 64 20.49 -14.92 -19.69
N PHE A 65 20.06 -16.09 -19.24
CA PHE A 65 20.41 -16.52 -17.89
C PHE A 65 21.90 -16.80 -17.76
N LEU A 66 22.47 -17.55 -18.71
CA LEU A 66 23.91 -17.83 -18.67
C LEU A 66 24.72 -16.55 -18.82
N ASP A 67 24.21 -15.57 -19.57
CA ASP A 67 24.90 -14.29 -19.64
C ASP A 67 25.02 -13.65 -18.26
N GLN A 68 23.92 -13.60 -17.49
CA GLN A 68 24.02 -13.01 -16.14
C GLN A 68 24.86 -13.88 -15.21
N TYR A 69 24.75 -15.20 -15.33
CA TYR A 69 25.57 -16.06 -14.49
C TYR A 69 27.06 -15.76 -14.66
N TYR A 70 27.55 -15.74 -15.91
CA TYR A 70 28.98 -15.58 -16.15
C TYR A 70 29.46 -14.16 -15.92
N SER A 71 28.57 -13.16 -16.00
CA SER A 71 28.93 -11.84 -15.53
C SER A 71 29.15 -11.83 -14.03
N SER A 72 28.33 -12.57 -13.28
CA SER A 72 28.40 -12.53 -11.82
C SER A 72 29.68 -13.16 -11.29
N ILE A 73 30.29 -14.09 -12.04
CA ILE A 73 31.55 -14.69 -11.61
C ILE A 73 32.67 -14.02 -12.39
N LYS A 74 32.36 -12.87 -12.99
CA LYS A 74 33.31 -12.02 -13.71
C LYS A 74 34.10 -12.80 -14.74
N ARG A 75 33.39 -13.64 -15.49
CA ARG A 75 33.95 -14.35 -16.62
C ARG A 75 33.10 -14.17 -17.88
N PHE A 76 32.46 -13.00 -18.00
CA PHE A 76 31.67 -12.69 -19.19
C PHE A 76 32.55 -12.77 -20.43
N GLY A 77 32.08 -13.48 -21.44
CA GLY A 77 32.81 -13.58 -22.70
C GLY A 77 34.15 -14.28 -22.59
N SER A 78 34.24 -15.29 -21.73
CA SER A 78 35.47 -16.07 -21.59
C SER A 78 35.31 -17.39 -22.32
N LYS A 79 36.41 -18.15 -22.35
CA LYS A 79 36.37 -19.50 -22.89
C LYS A 79 35.23 -20.29 -22.26
N ALA A 80 35.20 -20.34 -20.92
CA ALA A 80 34.15 -21.07 -20.23
C ALA A 80 32.75 -20.56 -20.62
N HIS A 81 32.57 -19.24 -20.70
CA HIS A 81 31.25 -18.71 -21.03
C HIS A 81 30.81 -19.17 -22.40
N MET A 82 31.61 -18.88 -23.44
CA MET A 82 31.21 -19.25 -24.80
C MET A 82 31.07 -20.77 -24.95
N ASP A 83 31.92 -21.53 -24.27
CA ASP A 83 31.82 -23.00 -24.34
C ASP A 83 30.52 -23.49 -23.72
N ARG A 84 30.19 -22.99 -22.52
CA ARG A 84 28.94 -23.37 -21.90
C ARG A 84 27.75 -22.93 -22.76
N LEU A 85 27.83 -21.75 -23.35
CA LEU A 85 26.74 -21.27 -24.19
C LEU A 85 26.55 -22.21 -25.39
N GLU A 86 27.66 -22.62 -26.02
CA GLU A 86 27.57 -23.57 -27.11
C GLU A 86 27.04 -24.91 -26.62
N GLU A 87 27.53 -25.38 -25.47
CA GLU A 87 27.12 -26.66 -24.92
C GLU A 87 25.61 -26.72 -24.72
N VAL A 88 25.04 -25.71 -24.05
CA VAL A 88 23.60 -25.68 -23.84
C VAL A 88 22.86 -25.55 -25.16
N ASN A 89 23.39 -24.73 -26.08
CA ASN A 89 22.81 -24.60 -27.41
C ASN A 89 22.67 -25.97 -28.09
N LYS A 90 23.68 -26.82 -27.99
CA LYS A 90 23.61 -28.12 -28.65
C LYS A 90 22.60 -29.04 -27.97
N GLU A 91 22.54 -28.99 -26.63
CA GLU A 91 21.62 -29.87 -25.92
C GLU A 91 20.16 -29.53 -26.23
N ILE A 92 19.84 -28.24 -26.31
CA ILE A 92 18.48 -27.82 -26.65
C ILE A 92 18.11 -28.28 -28.05
N GLU A 93 18.99 -28.00 -29.03
CA GLU A 93 18.82 -28.46 -30.40
C GLU A 93 18.32 -29.89 -30.49
N SER A 94 18.94 -30.78 -29.72
CA SER A 94 18.63 -32.21 -29.78
C SER A 94 17.50 -32.57 -28.82
N THR A 95 17.76 -32.48 -27.51
CA THR A 95 16.84 -32.98 -26.50
C THR A 95 15.61 -32.10 -26.29
N SER A 96 15.58 -30.88 -26.84
CA SER A 96 14.52 -29.89 -26.69
C SER A 96 14.38 -29.38 -25.27
N THR A 97 15.35 -29.64 -24.40
CA THR A 97 15.48 -28.99 -23.10
C THR A 97 16.95 -28.99 -22.73
N TYR A 98 17.27 -28.67 -21.48
CA TYR A 98 18.64 -28.75 -21.02
C TYR A 98 18.65 -28.77 -19.51
N GLN A 99 19.77 -29.24 -18.96
CA GLN A 99 19.93 -29.37 -17.51
C GLN A 99 20.94 -28.34 -17.02
N LEU A 100 20.65 -27.76 -15.85
CA LEU A 100 21.54 -26.77 -15.24
C LEU A 100 22.64 -27.47 -14.46
N LYS A 101 23.85 -26.92 -14.53
CA LYS A 101 24.89 -27.33 -13.60
C LYS A 101 24.49 -26.94 -12.18
N ASP A 102 25.01 -27.68 -11.20
CA ASP A 102 24.73 -27.36 -9.80
C ASP A 102 24.99 -25.88 -9.50
N THR A 103 26.14 -25.36 -9.93
CA THR A 103 26.47 -23.96 -9.67
C THR A 103 25.41 -23.02 -10.21
N GLU A 104 24.90 -23.28 -11.42
CA GLU A 104 23.89 -22.43 -12.02
C GLU A 104 22.54 -22.61 -11.34
N LEU A 105 22.28 -23.81 -10.81
CA LEU A 105 21.05 -24.05 -10.06
C LEU A 105 21.04 -23.25 -8.78
N ILE A 106 22.16 -23.25 -8.05
CA ILE A 106 22.24 -22.50 -6.79
C ILE A 106 22.12 -21.00 -7.07
N TYR A 107 22.84 -20.52 -8.08
CA TYR A 107 22.76 -19.10 -8.42
C TYR A 107 21.34 -18.70 -8.80
N GLY A 108 20.67 -19.53 -9.60
CA GLY A 108 19.33 -19.21 -10.05
C GLY A 108 18.31 -19.20 -8.93
N ALA A 109 18.45 -20.12 -7.98
CA ALA A 109 17.52 -20.13 -6.85
C ALA A 109 17.74 -18.92 -5.95
N LYS A 110 18.99 -18.55 -5.70
CA LYS A 110 19.25 -17.39 -4.85
C LYS A 110 18.71 -16.13 -5.50
N HIS A 111 18.77 -16.04 -6.83
CA HIS A 111 18.35 -14.84 -7.52
C HIS A 111 16.85 -14.78 -7.76
N ALA A 112 16.15 -15.92 -7.77
CA ALA A 112 14.69 -15.87 -7.75
C ALA A 112 14.19 -15.26 -6.44
N TRP A 113 14.88 -15.53 -5.33
CA TRP A 113 14.58 -14.88 -4.06
C TRP A 113 14.97 -13.40 -4.12
N ARG A 114 16.19 -13.11 -4.56
CA ARG A 114 16.66 -11.73 -4.71
C ARG A 114 15.68 -10.89 -5.52
N ASN A 115 15.05 -11.49 -6.52
CA ASN A 115 14.16 -10.76 -7.43
C ASN A 115 12.70 -10.76 -6.98
N ALA A 116 12.37 -11.35 -5.84
CA ALA A 116 10.98 -11.46 -5.40
C ALA A 116 10.51 -10.12 -4.86
N SER A 117 9.92 -9.30 -5.72
CA SER A 117 9.65 -7.90 -5.33
C SER A 117 8.68 -7.76 -4.15
N ARG A 118 7.93 -8.81 -3.83
CA ARG A 118 7.01 -8.75 -2.71
C ARG A 118 7.61 -9.19 -1.40
N CYS A 119 8.91 -9.52 -1.36
CA CYS A 119 9.50 -10.15 -0.18
C CYS A 119 10.29 -9.11 0.60
N VAL A 120 9.85 -8.82 1.83
CA VAL A 120 10.57 -7.88 2.69
C VAL A 120 11.81 -8.51 3.31
N GLY A 121 11.95 -9.83 3.25
CA GLY A 121 13.04 -10.53 3.91
C GLY A 121 14.32 -10.72 3.09
N ARG A 122 14.44 -10.06 1.95
CA ARG A 122 15.48 -10.39 0.98
C ARG A 122 16.89 -9.93 1.36
N ILE A 123 17.10 -9.27 2.50
CA ILE A 123 18.48 -8.95 2.87
C ILE A 123 19.29 -10.22 3.10
N GLN A 124 18.60 -11.35 3.29
CA GLN A 124 19.21 -12.66 3.53
C GLN A 124 19.40 -13.48 2.26
N TRP A 125 19.17 -12.90 1.07
CA TRP A 125 18.98 -13.72 -0.13
C TRP A 125 20.19 -14.59 -0.47
N SER A 126 21.40 -14.16 -0.14
CA SER A 126 22.56 -14.96 -0.53
C SER A 126 22.88 -16.09 0.45
N LYS A 127 22.30 -16.07 1.65
CA LYS A 127 22.43 -17.17 2.61
C LYS A 127 21.20 -18.07 2.45
N LEU A 128 21.20 -18.83 1.37
CA LEU A 128 20.13 -19.76 1.07
C LEU A 128 20.77 -21.12 0.86
N GLN A 129 20.26 -22.12 1.56
CA GLN A 129 20.75 -23.50 1.41
C GLN A 129 19.89 -24.16 0.34
N VAL A 130 20.52 -24.60 -0.75
CA VAL A 130 19.82 -25.17 -1.89
C VAL A 130 20.00 -26.68 -1.86
N PHE A 131 18.91 -27.43 -1.82
CA PHE A 131 18.93 -28.89 -1.82
C PHE A 131 18.49 -29.36 -3.20
N ASP A 132 19.42 -29.95 -3.94
CA ASP A 132 19.17 -30.47 -5.28
C ASP A 132 18.48 -31.83 -5.14
N ALA A 133 17.19 -31.87 -5.50
CA ALA A 133 16.40 -33.09 -5.45
C ALA A 133 15.97 -33.53 -6.85
N ARG A 134 16.75 -33.15 -7.86
CA ARG A 134 16.37 -33.45 -9.24
C ARG A 134 16.47 -34.95 -9.57
N ASP A 135 17.02 -35.78 -8.68
CA ASP A 135 17.10 -37.22 -8.91
C ASP A 135 15.88 -37.96 -8.35
N CYS A 136 14.91 -37.24 -7.81
CA CYS A 136 13.74 -37.83 -7.17
C CYS A 136 12.77 -38.40 -8.20
N THR A 137 12.14 -39.54 -7.88
CA THR A 137 11.21 -40.18 -8.80
C THR A 137 9.85 -40.54 -8.22
N THR A 138 9.68 -40.57 -6.89
CA THR A 138 8.44 -41.04 -6.29
C THR A 138 8.00 -40.10 -5.17
N ALA A 139 6.73 -40.21 -4.77
CA ALA A 139 6.24 -39.37 -3.69
C ALA A 139 6.91 -39.73 -2.38
N HIS A 140 7.20 -41.02 -2.18
CA HIS A 140 7.98 -41.44 -1.02
C HIS A 140 9.34 -40.74 -1.01
N GLY A 141 9.99 -40.64 -2.17
CA GLY A 141 11.24 -39.89 -2.23
C GLY A 141 11.04 -38.42 -1.93
N MET A 142 9.96 -37.84 -2.44
CA MET A 142 9.67 -36.44 -2.13
C MET A 142 9.45 -36.26 -0.64
N PHE A 143 8.75 -37.20 0.00
CA PHE A 143 8.56 -37.14 1.44
C PHE A 143 9.90 -37.12 2.17
N ASN A 144 10.82 -38.01 1.75
CA ASN A 144 12.15 -38.06 2.33
C ASN A 144 12.87 -36.72 2.18
N TYR A 145 12.91 -36.17 0.96
CA TYR A 145 13.58 -34.88 0.77
C TYR A 145 12.95 -33.79 1.62
N ILE A 146 11.63 -33.85 1.81
CA ILE A 146 10.93 -32.75 2.49
C ILE A 146 11.14 -32.85 3.99
N CYS A 147 11.14 -34.09 4.54
CA CYS A 147 11.52 -34.24 5.94
C CYS A 147 12.92 -33.71 6.19
N ASN A 148 13.86 -34.00 5.29
CA ASN A 148 15.23 -33.54 5.49
C ASN A 148 15.32 -32.02 5.42
N HIS A 149 14.59 -31.41 4.47
CA HIS A 149 14.45 -29.95 4.42
C HIS A 149 13.92 -29.41 5.74
N VAL A 150 12.78 -29.92 6.18
CA VAL A 150 12.16 -29.43 7.42
C VAL A 150 13.13 -29.54 8.59
N LYS A 151 13.82 -30.67 8.72
CA LYS A 151 14.74 -30.81 9.83
C LYS A 151 15.87 -29.82 9.73
N TYR A 152 16.48 -29.69 8.55
CA TYR A 152 17.60 -28.78 8.38
C TYR A 152 17.16 -27.33 8.63
N ALA A 153 16.03 -26.95 8.06
CA ALA A 153 15.55 -25.57 8.17
C ALA A 153 15.17 -25.23 9.61
N THR A 154 14.57 -26.19 10.33
CA THR A 154 14.13 -25.92 11.69
C THR A 154 15.33 -25.75 12.63
N ASN A 155 16.29 -26.68 12.59
CA ASN A 155 17.56 -26.51 13.29
C ASN A 155 17.31 -26.20 14.77
N LYS A 156 16.29 -26.84 15.33
CA LYS A 156 15.95 -26.72 16.75
C LYS A 156 15.66 -25.28 17.15
N GLY A 157 15.00 -24.53 16.26
CA GLY A 157 14.60 -23.16 16.53
C GLY A 157 15.51 -22.10 15.98
N ASN A 158 16.76 -22.46 15.66
CA ASN A 158 17.68 -21.54 15.01
C ASN A 158 17.50 -21.68 13.50
N LEU A 159 16.42 -21.07 13.00
CA LEU A 159 15.94 -21.38 11.66
C LEU A 159 16.94 -20.96 10.59
N ARG A 160 16.98 -21.74 9.51
CA ARG A 160 17.89 -21.54 8.40
C ARG A 160 17.08 -21.57 7.12
N SER A 161 17.32 -20.60 6.23
CA SER A 161 16.64 -20.58 4.94
C SER A 161 17.05 -21.74 4.06
N ALA A 162 16.09 -22.27 3.31
CA ALA A 162 16.41 -23.42 2.46
C ALA A 162 15.36 -23.56 1.37
N ILE A 163 15.76 -24.16 0.26
CA ILE A 163 14.87 -24.53 -0.83
C ILE A 163 15.26 -25.93 -1.28
N THR A 164 14.26 -26.75 -1.63
CA THR A 164 14.50 -28.09 -2.18
C THR A 164 13.87 -28.12 -3.57
N ILE A 165 14.66 -28.53 -4.57
CA ILE A 165 14.26 -28.35 -5.97
C ILE A 165 14.11 -29.72 -6.62
N PHE A 166 12.86 -30.04 -6.98
CA PHE A 166 12.51 -31.31 -7.60
C PHE A 166 12.64 -31.20 -9.11
N PRO A 167 12.54 -32.32 -9.83
CA PRO A 167 12.81 -32.28 -11.28
C PRO A 167 11.92 -31.29 -12.01
N GLN A 168 12.49 -30.69 -13.05
CA GLN A 168 11.81 -29.67 -13.83
C GLN A 168 10.69 -30.28 -14.68
N ARG A 169 9.69 -29.45 -14.98
CA ARG A 169 8.62 -29.85 -15.88
C ARG A 169 9.20 -30.29 -17.23
N THR A 170 8.57 -31.31 -17.82
CA THR A 170 8.97 -31.77 -19.15
C THR A 170 7.88 -31.45 -20.17
N ASP A 171 6.86 -32.30 -20.24
CA ASP A 171 5.76 -32.13 -21.20
C ASP A 171 4.47 -31.67 -20.53
N GLY A 172 4.50 -31.35 -19.24
CA GLY A 172 3.31 -30.92 -18.53
C GLY A 172 2.41 -32.06 -18.06
N LYS A 173 2.66 -33.28 -18.53
CA LYS A 173 1.98 -34.48 -18.06
C LYS A 173 2.70 -35.17 -16.91
N HIS A 174 3.94 -34.79 -16.62
CA HIS A 174 4.78 -35.49 -15.65
C HIS A 174 5.25 -34.55 -14.54
N ASP A 175 4.40 -33.59 -14.17
CA ASP A 175 4.81 -32.58 -13.20
C ASP A 175 5.01 -33.15 -11.81
N PHE A 176 6.04 -32.64 -11.13
CA PHE A 176 6.14 -32.80 -9.68
C PHE A 176 5.38 -31.65 -9.02
N ARG A 177 4.56 -31.98 -8.02
CA ARG A 177 3.83 -30.93 -7.30
C ARG A 177 3.69 -31.29 -5.83
N VAL A 178 3.89 -30.30 -4.97
CA VAL A 178 3.47 -30.37 -3.58
C VAL A 178 2.10 -29.70 -3.51
N TRP A 179 1.05 -30.49 -3.20
CA TRP A 179 -0.31 -29.98 -3.25
C TRP A 179 -0.63 -29.06 -2.08
N ASN A 180 0.07 -29.20 -0.96
CA ASN A 180 -0.09 -28.25 0.13
C ASN A 180 0.39 -26.88 -0.32
N SER A 181 -0.23 -25.82 0.25
CA SER A 181 0.26 -24.48 -0.04
C SER A 181 1.48 -24.15 0.80
N GLN A 182 1.55 -24.67 2.02
CA GLN A 182 2.77 -24.67 2.79
C GLN A 182 3.02 -26.09 3.31
N LEU A 183 4.28 -26.38 3.66
CA LEU A 183 4.61 -27.73 4.12
C LEU A 183 3.91 -28.02 5.45
N ILE A 184 3.77 -27.01 6.32
CA ILE A 184 3.13 -27.15 7.61
C ILE A 184 1.99 -26.13 7.68
N ARG A 185 0.76 -26.62 7.74
CA ARG A 185 -0.42 -25.77 7.94
C ARG A 185 -1.45 -26.56 8.74
N TYR A 186 -2.30 -25.82 9.47
CA TYR A 186 -3.32 -26.43 10.31
C TYR A 186 -4.60 -26.67 9.50
N ALA A 187 -5.27 -27.77 9.84
CA ALA A 187 -6.49 -28.19 9.16
C ALA A 187 -7.64 -27.22 9.46
N GLY A 188 -8.63 -27.24 8.56
CA GLY A 188 -9.84 -26.47 8.75
C GLY A 188 -11.09 -27.27 8.47
N TYR A 189 -12.05 -27.22 9.39
CA TYR A 189 -13.26 -28.02 9.31
C TYR A 189 -14.48 -27.12 9.38
N LYS A 190 -15.40 -27.29 8.43
CA LYS A 190 -16.67 -26.60 8.48
C LYS A 190 -17.61 -27.30 9.46
N GLN A 191 -18.29 -26.52 10.26
CA GLN A 191 -19.14 -27.17 11.25
C GLN A 191 -20.53 -27.44 10.69
N PRO A 192 -21.22 -28.48 11.18
CA PRO A 192 -22.55 -28.80 10.65
C PRO A 192 -23.57 -27.71 10.87
N ASP A 193 -23.29 -26.74 11.74
CA ASP A 193 -24.23 -25.69 12.10
C ASP A 193 -23.90 -24.34 11.47
N GLY A 194 -22.65 -23.88 11.62
CA GLY A 194 -22.34 -22.53 11.16
C GLY A 194 -20.88 -22.25 10.91
N SER A 195 -20.08 -22.15 11.97
CA SER A 195 -18.73 -21.59 11.87
C SER A 195 -17.71 -22.58 11.32
N THR A 196 -16.45 -22.42 11.73
CA THR A 196 -15.33 -23.17 11.20
C THR A 196 -14.35 -23.45 12.32
N LEU A 197 -13.95 -24.72 12.45
CA LEU A 197 -12.96 -25.16 13.42
C LEU A 197 -11.60 -25.29 12.75
N GLY A 198 -10.57 -24.72 13.38
CA GLY A 198 -9.23 -24.78 12.82
C GLY A 198 -8.96 -23.58 11.94
N ASP A 199 -8.36 -23.82 10.78
CA ASP A 199 -7.97 -22.74 9.88
C ASP A 199 -8.92 -22.66 8.69
N PRO A 200 -9.71 -21.57 8.56
CA PRO A 200 -10.66 -21.49 7.43
C PRO A 200 -10.00 -21.46 6.07
N ALA A 201 -8.78 -20.92 5.95
CA ALA A 201 -8.10 -20.86 4.67
C ALA A 201 -7.88 -22.24 4.08
N ASN A 202 -7.77 -23.25 4.93
CA ASN A 202 -7.40 -24.59 4.50
C ASN A 202 -8.59 -25.52 4.49
N VAL A 203 -9.80 -25.00 4.35
CA VAL A 203 -10.98 -25.87 4.46
C VAL A 203 -11.08 -26.78 3.24
N GLN A 204 -10.91 -26.23 2.03
CA GLN A 204 -10.99 -27.08 0.84
C GLN A 204 -9.85 -28.10 0.80
N PHE A 205 -8.63 -27.67 1.16
CA PHE A 205 -7.53 -28.63 1.16
C PHE A 205 -7.73 -29.70 2.21
N THR A 206 -8.14 -29.30 3.42
CA THR A 206 -8.45 -30.26 4.47
C THR A 206 -9.45 -31.30 3.98
N GLU A 207 -10.47 -30.86 3.24
CA GLU A 207 -11.46 -31.80 2.75
C GLU A 207 -10.91 -32.69 1.63
N ILE A 208 -10.01 -32.16 0.80
CA ILE A 208 -9.34 -33.01 -0.19
C ILE A 208 -8.58 -34.13 0.52
N CYS A 209 -7.90 -33.81 1.61
CA CYS A 209 -7.11 -34.81 2.34
C CYS A 209 -8.02 -35.84 3.00
N ILE A 210 -9.12 -35.40 3.60
CA ILE A 210 -10.11 -36.33 4.14
C ILE A 210 -10.71 -37.16 3.02
N GLN A 211 -11.16 -36.50 1.96
CA GLN A 211 -11.70 -37.18 0.78
C GLN A 211 -10.59 -37.95 0.06
N GLN A 212 -9.57 -38.35 0.81
CA GLN A 212 -8.42 -39.06 0.28
C GLN A 212 -7.89 -40.15 1.19
N GLY A 213 -8.34 -40.22 2.45
CA GLY A 213 -7.86 -41.24 3.36
C GLY A 213 -7.45 -40.68 4.71
N TRP A 214 -7.18 -39.39 4.78
CA TRP A 214 -6.69 -38.80 6.03
C TRP A 214 -7.77 -38.86 7.10
N LYS A 215 -7.46 -39.52 8.21
CA LYS A 215 -8.36 -39.57 9.35
C LYS A 215 -8.10 -38.32 10.18
N ALA A 216 -8.97 -37.33 10.04
CA ALA A 216 -8.73 -36.04 10.67
C ALA A 216 -9.00 -36.12 12.17
N PRO A 217 -8.08 -35.64 13.02
CA PRO A 217 -8.39 -35.58 14.46
C PRO A 217 -9.45 -34.54 14.81
N ARG A 218 -9.72 -33.59 13.91
CA ARG A 218 -10.77 -32.58 14.09
C ARG A 218 -10.51 -31.75 15.35
N GLY A 219 -9.30 -31.22 15.46
CA GLY A 219 -8.96 -30.24 16.46
C GLY A 219 -8.77 -28.86 15.84
N ARG A 220 -8.37 -27.92 16.70
CA ARG A 220 -8.09 -26.57 16.23
C ARG A 220 -6.77 -26.52 15.46
N PHE A 221 -5.75 -27.22 15.96
CA PHE A 221 -4.42 -27.14 15.39
C PHE A 221 -3.92 -28.50 14.92
N ASP A 222 -4.64 -29.11 13.99
CA ASP A 222 -4.22 -30.38 13.41
C ASP A 222 -3.27 -30.11 12.26
N VAL A 223 -2.02 -30.54 12.41
CA VAL A 223 -1.06 -30.41 11.31
C VAL A 223 -1.52 -31.27 10.15
N LEU A 224 -1.62 -30.67 8.97
CA LEU A 224 -2.10 -31.35 7.79
C LEU A 224 -1.06 -32.35 7.27
N PRO A 225 -1.51 -33.44 6.64
CA PRO A 225 -0.56 -34.36 5.99
C PRO A 225 0.00 -33.70 4.74
N LEU A 226 1.13 -34.23 4.29
CA LEU A 226 1.65 -33.84 2.98
C LEU A 226 0.96 -34.66 1.91
N LEU A 227 0.66 -33.99 0.79
CA LEU A 227 -0.01 -34.60 -0.37
C LEU A 227 0.93 -34.37 -1.54
N LEU A 228 1.67 -35.42 -1.92
CA LEU A 228 2.82 -35.27 -2.79
C LEU A 228 2.58 -35.99 -4.11
N GLN A 229 2.89 -35.29 -5.21
CA GLN A 229 2.69 -35.76 -6.56
C GLN A 229 4.04 -35.78 -7.27
N ALA A 230 4.47 -36.96 -7.71
CA ALA A 230 5.71 -37.18 -8.43
C ALA A 230 5.39 -37.65 -9.84
N ASN A 231 6.03 -37.03 -10.83
CA ASN A 231 5.96 -37.48 -12.22
C ASN A 231 4.53 -37.54 -12.74
N GLY A 232 3.65 -36.69 -12.23
CA GLY A 232 2.29 -36.62 -12.75
C GLY A 232 1.32 -37.67 -12.26
N ASN A 233 1.76 -38.57 -11.37
CA ASN A 233 0.87 -39.59 -10.82
C ASN A 233 -0.10 -38.99 -9.81
N ASP A 234 -1.07 -39.80 -9.38
CA ASP A 234 -1.97 -39.37 -8.33
C ASP A 234 -1.16 -39.04 -7.06
N PRO A 235 -1.56 -38.03 -6.30
CA PRO A 235 -0.77 -37.66 -5.12
C PRO A 235 -0.93 -38.67 -4.00
N GLU A 236 0.00 -38.64 -3.05
CA GLU A 236 -0.01 -39.62 -1.97
C GLU A 236 0.12 -38.91 -0.63
N LEU A 237 -0.64 -39.38 0.37
CA LEU A 237 -0.61 -38.78 1.70
C LEU A 237 0.57 -39.28 2.53
N PHE A 238 1.18 -38.34 3.27
CA PHE A 238 2.27 -38.61 4.20
C PHE A 238 2.13 -37.72 5.43
N GLN A 239 2.43 -38.27 6.60
CA GLN A 239 2.35 -37.55 7.87
C GLN A 239 3.75 -37.09 8.28
N ILE A 240 3.94 -35.78 8.41
CA ILE A 240 5.24 -35.29 8.88
C ILE A 240 5.47 -35.75 10.32
N PRO A 241 6.61 -36.36 10.63
CA PRO A 241 6.88 -36.78 12.01
C PRO A 241 6.78 -35.60 12.96
N PRO A 242 5.99 -35.73 14.03
CA PRO A 242 5.70 -34.54 14.86
C PRO A 242 6.94 -33.96 15.52
N GLU A 243 7.96 -34.77 15.81
CA GLU A 243 9.18 -34.21 16.38
C GLU A 243 9.91 -33.29 15.41
N LEU A 244 9.56 -33.33 14.12
CA LEU A 244 10.11 -32.39 13.16
C LEU A 244 9.31 -31.09 13.06
N VAL A 245 8.11 -31.03 13.65
CA VAL A 245 7.23 -29.87 13.55
C VAL A 245 7.37 -29.08 14.84
N LEU A 246 8.19 -28.03 14.80
CA LEU A 246 8.40 -27.20 15.96
C LEU A 246 7.25 -26.21 16.10
N GLU A 247 6.65 -26.15 17.28
CA GLU A 247 5.51 -25.28 17.54
C GLU A 247 5.78 -24.43 18.78
N VAL A 248 5.10 -23.28 18.85
CA VAL A 248 5.29 -22.29 19.90
C VAL A 248 3.95 -22.01 20.57
N PRO A 249 3.76 -22.38 21.82
CA PRO A 249 2.55 -21.95 22.54
C PRO A 249 2.58 -20.44 22.74
N ILE A 250 1.44 -19.81 22.50
CA ILE A 250 1.36 -18.35 22.48
C ILE A 250 0.90 -17.87 23.85
N ARG A 251 1.75 -17.08 24.51
CA ARG A 251 1.41 -16.47 25.80
C ARG A 251 1.80 -14.99 25.76
N HIS A 252 1.33 -14.24 26.76
CA HIS A 252 1.55 -12.80 26.76
C HIS A 252 2.38 -12.41 27.97
N PRO A 253 3.38 -11.54 27.79
CA PRO A 253 4.28 -11.21 28.90
C PRO A 253 3.62 -10.45 30.05
N LYS A 254 2.39 -9.91 29.88
CA LYS A 254 1.70 -9.19 30.94
C LYS A 254 0.38 -9.83 31.34
N PHE A 255 -0.35 -10.41 30.41
CA PHE A 255 -1.70 -10.90 30.66
C PHE A 255 -1.63 -12.42 30.84
N ASP A 256 -1.90 -12.87 32.06
CA ASP A 256 -1.82 -14.30 32.38
C ASP A 256 -2.90 -15.09 31.67
N TRP A 257 -4.09 -14.53 31.52
CA TRP A 257 -5.18 -15.24 30.88
C TRP A 257 -4.91 -15.55 29.41
N PHE A 258 -3.84 -14.98 28.84
CA PHE A 258 -3.61 -15.16 27.41
C PHE A 258 -3.23 -16.61 27.10
N LYS A 259 -2.42 -17.23 27.97
CA LYS A 259 -2.14 -18.67 27.86
C LYS A 259 -3.42 -19.47 27.73
N ASP A 260 -4.45 -19.12 28.52
CA ASP A 260 -5.67 -19.92 28.60
C ASP A 260 -6.48 -19.88 27.32
N LEU A 261 -6.13 -19.04 26.35
CA LEU A 261 -6.78 -19.07 25.05
C LEU A 261 -6.42 -20.32 24.25
N GLY A 262 -5.36 -21.04 24.64
CA GLY A 262 -4.98 -22.27 23.98
C GLY A 262 -4.58 -22.11 22.53
N LEU A 263 -3.73 -21.11 22.25
CA LEU A 263 -3.24 -20.86 20.90
C LEU A 263 -1.79 -21.32 20.80
N LYS A 264 -1.43 -21.85 19.64
CA LYS A 264 -0.03 -22.08 19.26
C LYS A 264 0.10 -21.80 17.78
N TRP A 265 1.34 -21.76 17.31
CA TRP A 265 1.62 -21.72 15.88
C TRP A 265 2.92 -22.45 15.62
N TYR A 266 3.13 -22.81 14.37
CA TYR A 266 4.32 -23.55 13.97
C TYR A 266 5.45 -22.58 13.64
N GLY A 267 6.68 -23.04 13.88
CA GLY A 267 7.83 -22.19 13.69
C GLY A 267 8.26 -21.97 12.26
N LEU A 268 7.96 -22.91 11.36
CA LEU A 268 8.60 -22.93 10.04
C LEU A 268 7.63 -22.49 8.95
N PRO A 269 7.75 -21.29 8.38
CA PRO A 269 6.96 -20.96 7.18
C PRO A 269 7.66 -21.50 5.94
N ALA A 270 7.01 -22.44 5.25
CA ALA A 270 7.63 -23.15 4.12
C ALA A 270 6.63 -23.18 2.97
N VAL A 271 6.74 -22.22 2.07
CA VAL A 271 5.80 -22.09 0.96
C VAL A 271 6.09 -23.14 -0.09
N SER A 272 5.06 -23.84 -0.55
CA SER A 272 5.31 -25.00 -1.38
C SER A 272 4.50 -25.05 -2.68
N ASN A 273 3.74 -24.01 -3.03
CA ASN A 273 2.88 -24.06 -4.20
C ASN A 273 3.36 -23.17 -5.35
N MET A 274 4.54 -22.58 -5.27
CA MET A 274 5.01 -21.69 -6.31
C MET A 274 5.89 -22.43 -7.32
N LEU A 275 6.13 -21.76 -8.45
CA LEU A 275 6.94 -22.29 -9.54
C LEU A 275 8.20 -21.45 -9.69
N LEU A 276 9.34 -22.13 -9.77
CA LEU A 276 10.65 -21.50 -9.89
C LEU A 276 11.11 -21.55 -11.34
N GLU A 277 11.40 -20.40 -11.93
CA GLU A 277 11.80 -20.31 -13.32
C GLU A 277 13.26 -19.86 -13.40
N ILE A 278 14.08 -20.67 -14.07
CA ILE A 278 15.50 -20.38 -14.25
C ILE A 278 15.88 -20.69 -15.69
N GLY A 279 16.30 -19.68 -16.45
CA GLY A 279 16.74 -19.91 -17.82
C GLY A 279 15.71 -20.61 -18.67
N GLY A 280 14.44 -20.25 -18.51
CA GLY A 280 13.34 -20.88 -19.22
C GLY A 280 12.88 -22.20 -18.66
N LEU A 281 13.62 -22.79 -17.74
CA LEU A 281 13.24 -24.08 -17.16
C LEU A 281 12.28 -23.84 -16.01
N GLU A 282 11.33 -24.77 -15.85
CA GLU A 282 10.22 -24.57 -14.93
C GLU A 282 10.24 -25.66 -13.86
N PHE A 283 10.47 -25.27 -12.60
CA PHE A 283 10.50 -26.19 -11.47
C PHE A 283 9.20 -26.02 -10.70
N SER A 284 8.25 -26.92 -10.98
CA SER A 284 6.89 -26.81 -10.44
C SER A 284 6.80 -27.25 -8.98
N ALA A 285 7.85 -27.88 -8.46
CA ALA A 285 7.89 -28.29 -7.06
C ALA A 285 9.19 -27.78 -6.49
N CYS A 286 9.11 -26.75 -5.67
CA CYS A 286 10.31 -26.14 -5.13
C CYS A 286 10.03 -25.55 -3.75
N PRO A 287 9.59 -26.33 -2.76
CA PRO A 287 9.26 -25.75 -1.45
C PRO A 287 10.45 -25.00 -0.87
N PHE A 288 10.19 -23.77 -0.40
CA PHE A 288 11.24 -22.99 0.23
C PHE A 288 10.76 -22.45 1.58
N SER A 289 11.71 -22.13 2.44
CA SER A 289 11.32 -21.76 3.79
C SER A 289 12.32 -20.74 4.32
N GLY A 290 11.85 -19.90 5.23
CA GLY A 290 12.68 -18.97 5.96
C GLY A 290 12.32 -18.98 7.43
N TRP A 291 12.00 -17.80 7.97
CA TRP A 291 11.45 -17.64 9.30
C TRP A 291 10.39 -16.53 9.25
N TYR A 292 9.52 -16.52 10.25
CA TYR A 292 8.33 -15.65 10.24
C TYR A 292 8.67 -14.21 10.59
N MET A 293 7.95 -13.27 9.95
CA MET A 293 7.71 -11.97 10.53
C MET A 293 6.46 -12.06 11.39
N GLY A 294 6.52 -11.47 12.59
CA GLY A 294 5.49 -11.72 13.59
C GLY A 294 4.08 -11.42 13.09
N THR A 295 3.91 -10.37 12.29
CA THR A 295 2.59 -9.99 11.82
C THR A 295 1.98 -11.04 10.88
N GLU A 296 2.79 -11.89 10.24
CA GLU A 296 2.21 -12.93 9.40
C GLU A 296 1.29 -13.83 10.20
N ILE A 297 1.66 -14.13 11.44
CA ILE A 297 0.81 -14.91 12.33
C ILE A 297 -0.21 -14.02 13.05
N GLY A 298 0.27 -12.96 13.73
CA GLY A 298 -0.58 -12.25 14.66
C GLY A 298 -1.57 -11.31 14.00
N VAL A 299 -1.24 -10.80 12.82
CA VAL A 299 -2.15 -9.91 12.11
C VAL A 299 -3.03 -10.69 11.14
N ARG A 300 -2.40 -11.46 10.26
CA ARG A 300 -3.15 -12.09 9.17
C ARG A 300 -3.74 -13.43 9.61
N ASP A 301 -2.89 -14.34 10.10
CA ASP A 301 -3.34 -15.69 10.44
C ASP A 301 -4.34 -15.71 11.59
N TYR A 302 -4.28 -14.75 12.50
CA TYR A 302 -5.14 -14.76 13.69
C TYR A 302 -6.35 -13.86 13.58
N CYS A 303 -6.24 -12.74 12.84
CA CYS A 303 -7.20 -11.66 12.89
C CYS A 303 -7.88 -11.32 11.58
N ASP A 304 -7.46 -11.89 10.44
CA ASP A 304 -8.26 -11.77 9.23
C ASP A 304 -9.66 -12.32 9.51
N ASN A 305 -10.67 -11.63 9.00
CA ASN A 305 -12.05 -12.08 9.19
C ASN A 305 -12.28 -13.44 8.56
N SER A 306 -11.63 -13.71 7.43
CA SER A 306 -11.72 -15.01 6.76
C SER A 306 -10.70 -16.02 7.28
N ARG A 307 -10.06 -15.74 8.43
CA ARG A 307 -9.11 -16.68 9.02
C ARG A 307 -9.52 -17.03 10.45
N TYR A 308 -8.56 -17.07 11.40
CA TYR A 308 -8.90 -17.50 12.75
C TYR A 308 -9.83 -16.53 13.45
N ASN A 309 -9.72 -15.23 13.12
CA ASN A 309 -10.72 -14.23 13.48
C ASN A 309 -10.96 -14.19 14.99
N ILE A 310 -9.86 -14.11 15.75
CA ILE A 310 -9.91 -14.17 17.20
C ILE A 310 -10.03 -12.80 17.86
N LEU A 311 -10.12 -11.72 17.07
CA LEU A 311 -10.14 -10.38 17.64
C LEU A 311 -11.27 -10.24 18.67
N GLU A 312 -12.43 -10.81 18.38
CA GLU A 312 -13.59 -10.68 19.26
C GLU A 312 -13.26 -11.10 20.69
N GLU A 313 -12.84 -12.37 20.87
CA GLU A 313 -12.66 -12.90 22.22
C GLU A 313 -11.49 -12.24 22.93
N VAL A 314 -10.43 -11.88 22.21
CA VAL A 314 -9.30 -11.23 22.85
C VAL A 314 -9.74 -9.92 23.50
N ALA A 315 -10.49 -9.10 22.74
CA ALA A 315 -10.93 -7.81 23.26
C ALA A 315 -11.87 -7.99 24.44
N LYS A 316 -12.73 -9.01 24.39
CA LYS A 316 -13.60 -9.30 25.52
C LYS A 316 -12.79 -9.57 26.78
N LYS A 317 -11.81 -10.47 26.70
CA LYS A 317 -10.99 -10.78 27.86
C LYS A 317 -10.19 -9.59 28.35
N MET A 318 -9.96 -8.59 27.50
CA MET A 318 -9.38 -7.33 27.91
C MET A 318 -10.42 -6.35 28.46
N ASP A 319 -11.70 -6.72 28.42
CA ASP A 319 -12.80 -5.85 28.86
C ASP A 319 -12.74 -4.48 28.18
N LEU A 320 -12.67 -4.49 26.86
CA LEU A 320 -12.69 -3.27 26.07
C LEU A 320 -14.11 -2.95 25.60
N ASP A 321 -14.38 -1.66 25.42
CA ASP A 321 -15.69 -1.23 24.92
C ASP A 321 -15.79 -1.59 23.45
N MET A 322 -16.43 -2.73 23.15
CA MET A 322 -16.55 -3.20 21.78
C MET A 322 -17.83 -2.74 21.10
N ARG A 323 -18.47 -1.69 21.61
CA ARG A 323 -19.76 -1.28 21.08
C ARG A 323 -19.64 -0.30 19.91
N LYS A 324 -18.50 0.37 19.76
CA LYS A 324 -18.31 1.27 18.63
C LYS A 324 -16.89 1.15 18.11
N THR A 325 -16.74 1.28 16.79
CA THR A 325 -15.43 1.11 16.18
C THR A 325 -14.45 2.19 16.65
N SER A 326 -14.96 3.39 16.96
CA SER A 326 -14.10 4.52 17.30
C SER A 326 -13.39 4.37 18.65
N SER A 327 -13.71 3.35 19.44
CA SER A 327 -12.89 3.02 20.59
C SER A 327 -11.56 2.39 20.21
N LEU A 328 -11.38 2.02 18.93
CA LEU A 328 -10.18 1.33 18.45
C LEU A 328 -9.87 0.05 19.25
N TRP A 329 -10.93 -0.65 19.67
CA TRP A 329 -10.71 -1.88 20.42
C TRP A 329 -10.02 -2.95 19.57
N LYS A 330 -10.29 -2.99 18.26
CA LYS A 330 -9.58 -3.98 17.44
C LYS A 330 -8.10 -3.64 17.35
N ASP A 331 -7.77 -2.35 17.17
CA ASP A 331 -6.37 -1.95 17.08
C ASP A 331 -5.61 -2.31 18.35
N GLN A 332 -6.25 -2.09 19.51
CA GLN A 332 -5.61 -2.40 20.80
C GLN A 332 -5.39 -3.90 20.95
N ALA A 333 -6.43 -4.69 20.68
CA ALA A 333 -6.29 -6.15 20.71
C ALA A 333 -5.24 -6.61 19.71
N LEU A 334 -5.26 -6.05 18.50
CA LEU A 334 -4.32 -6.48 17.47
C LEU A 334 -2.88 -6.31 17.96
N VAL A 335 -2.61 -5.21 18.66
CA VAL A 335 -1.24 -4.98 19.14
C VAL A 335 -0.85 -6.02 20.19
N GLU A 336 -1.70 -6.27 21.18
CA GLU A 336 -1.37 -7.21 22.24
C GLU A 336 -1.13 -8.60 21.67
N ILE A 337 -1.97 -9.02 20.72
CA ILE A 337 -1.78 -10.32 20.06
C ILE A 337 -0.38 -10.42 19.48
N ASN A 338 0.05 -9.36 18.79
CA ASN A 338 1.35 -9.39 18.13
C ASN A 338 2.51 -9.26 19.10
N ILE A 339 2.30 -8.59 20.23
CA ILE A 339 3.28 -8.62 21.31
C ILE A 339 3.46 -10.05 21.81
N ALA A 340 2.34 -10.74 22.03
CA ALA A 340 2.37 -12.14 22.51
C ALA A 340 3.13 -13.06 21.56
N VAL A 341 2.84 -12.98 20.25
CA VAL A 341 3.50 -13.87 19.29
C VAL A 341 5.01 -13.71 19.35
N LEU A 342 5.47 -12.46 19.31
CA LEU A 342 6.91 -12.19 19.40
C LEU A 342 7.48 -12.66 20.74
N TYR A 343 6.76 -12.42 21.84
CA TYR A 343 7.25 -12.83 23.14
C TYR A 343 7.35 -14.34 23.25
N SER A 344 6.42 -15.07 22.63
CA SER A 344 6.41 -16.52 22.76
C SER A 344 7.55 -17.13 21.95
N PHE A 345 7.69 -16.75 20.69
CA PHE A 345 8.80 -17.23 19.87
C PHE A 345 10.13 -16.90 20.53
N GLN A 346 10.30 -15.64 20.96
CA GLN A 346 11.56 -15.23 21.55
C GLN A 346 11.85 -15.99 22.84
N SER A 347 10.81 -16.22 23.66
CA SER A 347 11.01 -16.95 24.91
C SER A 347 11.43 -18.39 24.65
N ASP A 348 10.92 -19.00 23.56
CA ASP A 348 11.27 -20.38 23.22
C ASP A 348 12.49 -20.47 22.30
N LYS A 349 13.17 -19.36 22.06
CA LYS A 349 14.37 -19.34 21.23
C LYS A 349 14.10 -19.84 19.81
N VAL A 350 12.94 -19.48 19.27
CA VAL A 350 12.61 -19.74 17.88
C VAL A 350 12.78 -18.45 17.10
N THR A 351 13.47 -18.53 15.96
CA THR A 351 13.73 -17.32 15.19
C THR A 351 12.43 -16.65 14.76
N ILE A 352 12.37 -15.34 14.93
CA ILE A 352 11.25 -14.52 14.46
C ILE A 352 11.76 -13.09 14.37
N VAL A 353 11.19 -12.31 13.47
CA VAL A 353 11.55 -10.91 13.32
C VAL A 353 10.29 -10.05 13.44
N ASP A 354 10.41 -8.91 14.12
CA ASP A 354 9.27 -8.01 14.18
C ASP A 354 9.22 -7.13 12.94
N HIS A 355 8.06 -6.53 12.70
CA HIS A 355 7.91 -5.72 11.48
C HIS A 355 8.78 -4.46 11.51
N HIS A 356 9.09 -3.93 12.69
CA HIS A 356 10.00 -2.79 12.72
C HIS A 356 11.40 -3.18 12.29
N SER A 357 11.88 -4.33 12.78
CA SER A 357 13.23 -4.77 12.45
C SER A 357 13.32 -5.18 10.99
N ALA A 358 12.32 -5.91 10.49
CA ALA A 358 12.38 -6.39 9.12
C ALA A 358 12.31 -5.25 8.12
N THR A 359 11.48 -4.24 8.37
CA THR A 359 11.38 -3.15 7.40
C THR A 359 12.64 -2.30 7.42
N GLU A 360 13.24 -2.13 8.59
CA GLU A 360 14.50 -1.39 8.67
C GLU A 360 15.60 -2.15 7.93
N SER A 361 15.64 -3.48 8.09
CA SER A 361 16.57 -4.31 7.32
C SER A 361 16.33 -4.15 5.83
N PHE A 362 15.06 -4.08 5.42
CA PHE A 362 14.77 -3.99 3.99
C PHE A 362 15.25 -2.67 3.40
N ILE A 363 15.12 -1.56 4.16
CA ILE A 363 15.64 -0.28 3.66
C ILE A 363 17.15 -0.37 3.47
N LYS A 364 17.86 -0.96 4.43
CA LYS A 364 19.29 -1.18 4.26
C LYS A 364 19.59 -2.05 3.06
N HIS A 365 18.80 -3.12 2.87
CA HIS A 365 18.98 -3.98 1.71
C HIS A 365 18.73 -3.21 0.42
N MET A 366 17.71 -2.34 0.40
CA MET A 366 17.47 -1.51 -0.77
C MET A 366 18.69 -0.66 -1.10
N GLU A 367 19.25 0.01 -0.08
CA GLU A 367 20.46 0.80 -0.29
C GLU A 367 21.57 -0.05 -0.89
N ASN A 368 21.79 -1.25 -0.35
CA ASN A 368 22.85 -2.11 -0.85
C ASN A 368 22.61 -2.46 -2.32
N GLU A 369 21.38 -2.85 -2.66
CA GLU A 369 21.08 -3.26 -4.02
C GLU A 369 21.21 -2.11 -5.01
N TYR A 370 20.74 -0.91 -4.63
CA TYR A 370 20.97 0.24 -5.51
C TYR A 370 22.45 0.50 -5.69
N ARG A 371 23.24 0.31 -4.63
CA ARG A 371 24.66 0.61 -4.72
C ARG A 371 25.40 -0.42 -5.56
N CYS A 372 25.22 -1.71 -5.25
CA CYS A 372 26.01 -2.74 -5.91
CA CYS A 372 26.01 -2.73 -5.92
C CYS A 372 25.34 -3.31 -7.16
N ARG A 373 24.01 -3.19 -7.28
CA ARG A 373 23.30 -3.80 -8.38
C ARG A 373 22.58 -2.81 -9.29
N GLY A 374 22.37 -1.57 -8.84
CA GLY A 374 21.67 -0.58 -9.63
C GLY A 374 20.17 -0.54 -9.45
N GLY A 375 19.63 -1.25 -8.48
CA GLY A 375 18.19 -1.23 -8.29
C GLY A 375 17.73 -2.39 -7.45
N CYS A 376 16.44 -2.32 -7.10
CA CYS A 376 15.80 -3.38 -6.33
C CYS A 376 14.30 -3.35 -6.60
N PRO A 377 13.77 -4.31 -7.35
CA PRO A 377 12.32 -4.32 -7.61
C PRO A 377 11.55 -4.59 -6.33
N ALA A 378 10.50 -3.80 -6.10
CA ALA A 378 9.83 -3.86 -4.81
C ALA A 378 8.39 -3.42 -4.95
N ASP A 379 7.51 -4.16 -4.29
CA ASP A 379 6.07 -4.02 -4.42
C ASP A 379 5.54 -3.44 -3.10
N TRP A 380 5.41 -2.10 -3.08
CA TRP A 380 5.00 -1.41 -1.86
C TRP A 380 3.78 -2.04 -1.21
N VAL A 381 2.79 -2.41 -2.02
CA VAL A 381 1.54 -2.97 -1.51
C VAL A 381 1.81 -4.20 -0.63
N TRP A 382 2.83 -4.99 -0.96
CA TRP A 382 3.17 -6.16 -0.15
C TRP A 382 4.26 -5.89 0.86
N ILE A 383 5.14 -4.92 0.61
CA ILE A 383 6.28 -4.73 1.52
C ILE A 383 5.84 -4.07 2.82
N VAL A 384 4.92 -3.10 2.74
CA VAL A 384 4.47 -2.42 3.95
C VAL A 384 3.69 -3.40 4.82
N PRO A 385 4.00 -3.50 6.12
CA PRO A 385 3.36 -4.49 6.98
C PRO A 385 1.88 -4.21 7.16
N PRO A 386 1.11 -5.23 7.52
CA PRO A 386 -0.35 -5.08 7.67
C PRO A 386 -0.79 -4.42 8.96
N MET A 387 0.13 -3.96 9.80
CA MET A 387 -0.22 -3.07 10.90
C MET A 387 0.83 -1.96 10.99
N SER A 388 0.42 -0.84 11.57
CA SER A 388 1.35 0.23 11.93
C SER A 388 2.21 0.66 10.75
N GLY A 389 1.58 0.78 9.58
CA GLY A 389 2.33 0.98 8.35
C GLY A 389 3.22 2.20 8.37
N SER A 390 2.67 3.36 8.78
CA SER A 390 3.42 4.58 8.60
C SER A 390 4.49 4.80 9.66
N ILE A 391 4.53 4.00 10.72
CA ILE A 391 5.63 4.17 11.67
C ILE A 391 6.75 3.20 11.33
N THR A 392 6.65 2.51 10.16
CA THR A 392 7.76 1.73 9.65
C THR A 392 8.41 2.46 8.50
N PRO A 393 9.73 2.31 8.31
CA PRO A 393 10.43 3.14 7.32
C PRO A 393 10.02 2.88 5.88
N VAL A 394 9.47 1.71 5.54
CA VAL A 394 9.13 1.41 4.15
C VAL A 394 7.90 2.18 3.68
N PHE A 395 7.03 2.60 4.60
CA PHE A 395 5.84 3.37 4.21
C PHE A 395 6.23 4.62 3.44
N HIS A 396 7.30 5.28 3.86
CA HIS A 396 7.71 6.55 3.27
C HIS A 396 8.69 6.36 2.12
N GLN A 397 8.94 5.12 1.71
CA GLN A 397 9.92 4.79 0.69
C GLN A 397 9.19 4.56 -0.63
N GLU A 398 9.44 5.43 -1.61
CA GLU A 398 9.04 5.08 -2.97
C GLU A 398 9.78 3.81 -3.41
N MET A 399 9.08 2.96 -4.18
CA MET A 399 9.60 1.70 -4.72
C MET A 399 9.18 1.55 -6.16
N LEU A 400 10.05 0.97 -6.97
CA LEU A 400 9.75 0.65 -8.36
C LEU A 400 9.52 -0.85 -8.46
N ASN A 401 8.41 -1.25 -9.08
CA ASN A 401 8.12 -2.67 -9.23
C ASN A 401 8.29 -3.12 -10.67
N TYR A 402 9.08 -4.18 -10.86
CA TYR A 402 9.31 -4.73 -12.18
C TYR A 402 9.76 -6.18 -12.01
N ARG A 403 9.66 -6.94 -13.09
CA ARG A 403 9.79 -8.40 -13.05
C ARG A 403 11.13 -8.81 -13.65
N LEU A 404 11.98 -9.39 -12.82
CA LEU A 404 13.28 -9.91 -13.25
C LEU A 404 13.22 -11.43 -13.20
N THR A 405 14.10 -12.04 -13.99
CA THR A 405 14.22 -13.49 -13.94
C THR A 405 15.67 -13.85 -13.58
N PRO A 406 15.91 -14.99 -12.90
CA PRO A 406 15.01 -16.03 -12.38
C PRO A 406 13.97 -15.52 -11.39
N SER A 407 12.85 -16.24 -11.28
CA SER A 407 11.75 -15.74 -10.48
C SER A 407 10.93 -16.90 -9.90
N PHE A 408 10.16 -16.56 -8.87
CA PHE A 408 9.10 -17.39 -8.35
C PHE A 408 7.77 -16.89 -8.91
N GLU A 409 6.94 -17.81 -9.39
CA GLU A 409 5.68 -17.44 -10.00
C GLU A 409 4.57 -18.24 -9.35
N TYR A 410 3.35 -17.71 -9.42
CA TYR A 410 2.19 -18.50 -9.06
C TYR A 410 1.89 -19.52 -10.15
N GLN A 411 1.21 -20.59 -9.76
CA GLN A 411 0.77 -21.61 -10.69
C GLN A 411 -0.58 -22.10 -10.20
N PRO A 412 -1.36 -22.75 -11.07
CA PRO A 412 -2.69 -23.21 -10.64
C PRO A 412 -2.60 -24.25 -9.54
N ASP A 413 -3.67 -24.37 -8.76
CA ASP A 413 -3.78 -25.47 -7.84
C ASP A 413 -3.88 -26.77 -8.61
N PRO A 414 -3.16 -27.82 -8.20
CA PRO A 414 -3.10 -29.03 -9.03
C PRO A 414 -4.44 -29.73 -9.17
N TRP A 415 -5.30 -29.69 -8.15
CA TRP A 415 -6.56 -30.42 -8.24
C TRP A 415 -7.52 -29.83 -9.28
N ASN A 416 -7.22 -28.64 -9.81
CA ASN A 416 -7.96 -28.11 -10.95
C ASN A 416 -7.43 -28.63 -12.27
N THR A 417 -6.22 -29.17 -12.31
CA THR A 417 -5.55 -29.61 -13.52
C THR A 417 -5.42 -31.11 -13.65
N HIS A 418 -5.14 -31.79 -12.53
CA HIS A 418 -4.67 -33.17 -12.58
C HIS A 418 -5.72 -34.11 -13.15
N VAL A 419 -5.34 -34.84 -14.21
CA VAL A 419 -6.16 -35.91 -14.74
C VAL A 419 -6.11 -37.08 -13.76
N TRP A 420 -7.18 -37.24 -12.98
CA TRP A 420 -7.19 -38.15 -11.84
C TRP A 420 -7.17 -39.64 -12.23
N ARG B 3 -13.59 -3.49 -23.82
CA ARG B 3 -12.81 -4.42 -23.02
C ARG B 3 -13.04 -4.20 -21.53
N PHE B 4 -13.45 -5.26 -20.83
CA PHE B 4 -13.84 -5.19 -19.42
C PHE B 4 -12.69 -5.67 -18.54
N LEU B 5 -12.65 -5.16 -17.30
CA LEU B 5 -11.65 -5.53 -16.32
C LEU B 5 -12.30 -5.85 -14.98
N LYS B 6 -11.76 -6.84 -14.28
CA LYS B 6 -12.35 -7.27 -13.02
C LYS B 6 -11.43 -6.98 -11.84
N VAL B 7 -12.03 -6.62 -10.71
CA VAL B 7 -11.35 -6.53 -9.42
C VAL B 7 -12.06 -7.46 -8.46
N LYS B 8 -11.29 -8.05 -7.56
CA LYS B 8 -11.80 -9.03 -6.61
C LYS B 8 -11.54 -8.55 -5.19
N ASN B 9 -12.54 -8.68 -4.33
CA ASN B 9 -12.32 -8.55 -2.90
C ASN B 9 -11.97 -9.94 -2.37
N TRP B 10 -10.78 -10.08 -1.83
CA TRP B 10 -10.30 -11.42 -1.46
C TRP B 10 -10.82 -11.89 -0.11
N GLU B 11 -11.45 -11.01 0.65
CA GLU B 11 -12.08 -11.36 1.92
C GLU B 11 -13.51 -11.83 1.73
N THR B 12 -14.23 -11.28 0.76
CA THR B 12 -15.64 -11.56 0.51
C THR B 12 -15.89 -12.27 -0.82
N ASP B 13 -14.86 -12.43 -1.65
CA ASP B 13 -14.95 -12.97 -3.02
C ASP B 13 -15.89 -12.16 -3.94
N VAL B 14 -16.36 -10.99 -3.53
CA VAL B 14 -17.16 -10.14 -4.42
C VAL B 14 -16.30 -9.64 -5.57
N VAL B 15 -16.77 -9.83 -6.80
CA VAL B 15 -16.06 -9.41 -8.01
C VAL B 15 -16.85 -8.31 -8.70
N LEU B 16 -16.15 -7.27 -9.14
CA LEU B 16 -16.77 -6.14 -9.82
C LEU B 16 -16.09 -5.93 -11.17
N THR B 17 -16.83 -5.36 -12.12
CA THR B 17 -16.38 -5.20 -13.50
C THR B 17 -16.27 -3.73 -13.87
N ASP B 18 -15.06 -3.30 -14.26
CA ASP B 18 -14.79 -1.90 -14.57
C ASP B 18 -14.78 -1.69 -16.07
N THR B 19 -15.71 -0.85 -16.55
CA THR B 19 -15.66 -0.31 -17.90
C THR B 19 -15.28 1.17 -17.94
N LEU B 20 -15.32 1.87 -16.80
CA LEU B 20 -15.11 3.32 -16.79
C LEU B 20 -13.68 3.67 -17.20
N HIS B 21 -12.72 2.76 -16.98
CA HIS B 21 -11.33 3.03 -17.30
C HIS B 21 -11.12 3.32 -18.78
N LEU B 22 -12.07 2.94 -19.63
CA LEU B 22 -11.98 3.27 -21.04
C LEU B 22 -12.14 4.76 -21.28
N LYS B 23 -12.84 5.45 -20.39
CA LYS B 23 -12.99 6.90 -20.47
C LYS B 23 -11.73 7.65 -20.06
N SER B 24 -10.69 6.94 -19.64
CA SER B 24 -9.51 7.58 -19.07
C SER B 24 -8.68 8.22 -20.18
N THR B 25 -8.29 9.48 -19.95
CA THR B 25 -7.50 10.24 -20.92
C THR B 25 -6.03 10.31 -20.52
N LEU B 26 -5.75 10.82 -19.32
CA LEU B 26 -4.40 11.09 -18.86
C LEU B 26 -3.63 9.78 -18.63
N GLU B 27 -2.32 9.91 -18.46
CA GLU B 27 -1.44 8.75 -18.31
C GLU B 27 -1.06 8.55 -16.84
N THR B 28 -0.82 7.28 -16.47
CA THR B 28 -0.60 6.90 -15.07
C THR B 28 0.86 6.99 -14.63
N GLY B 29 1.80 7.01 -15.56
CA GLY B 29 3.19 6.83 -15.22
C GLY B 29 3.68 5.41 -15.32
N CYS B 30 2.80 4.42 -15.21
CA CYS B 30 3.25 3.04 -15.35
C CYS B 30 3.39 2.67 -16.82
N THR B 31 4.11 1.58 -17.07
CA THR B 31 4.21 0.97 -18.38
C THR B 31 3.98 -0.53 -18.25
N GLU B 32 4.04 -1.22 -19.39
CA GLU B 32 3.94 -2.68 -19.36
C GLU B 32 5.11 -3.33 -18.62
N HIS B 33 6.21 -2.59 -18.40
CA HIS B 33 7.40 -3.15 -17.80
C HIS B 33 7.79 -2.55 -16.47
N ILE B 34 7.14 -1.47 -16.03
CA ILE B 34 7.42 -0.94 -14.71
C ILE B 34 6.13 -0.38 -14.12
N CYS B 35 5.95 -0.56 -12.81
CA CYS B 35 4.83 0.01 -12.07
C CYS B 35 5.36 1.12 -11.18
N MET B 36 4.80 2.33 -11.37
CA MET B 36 5.11 3.51 -10.56
C MET B 36 4.06 3.76 -9.50
N GLY B 37 3.32 2.72 -9.12
CA GLY B 37 2.21 2.84 -8.17
C GLY B 37 2.56 3.40 -6.81
N SER B 38 3.83 3.34 -6.38
CA SER B 38 4.17 3.93 -5.09
C SER B 38 4.98 5.21 -5.21
N ILE B 39 5.10 5.79 -6.41
CA ILE B 39 5.75 7.08 -6.59
C ILE B 39 4.77 8.18 -6.18
N MET B 40 5.21 9.08 -5.30
CA MET B 40 4.33 10.10 -4.74
C MET B 40 3.82 11.07 -5.81
N LEU B 41 4.65 11.40 -6.82
CA LEU B 41 4.20 12.20 -7.96
C LEU B 41 4.94 11.76 -9.21
N PRO B 42 4.32 10.95 -10.08
CA PRO B 42 4.90 10.64 -11.38
C PRO B 42 4.38 11.55 -12.50
N VAL B 52 -0.69 28.74 -19.64
CA VAL B 52 0.40 27.98 -20.22
C VAL B 52 -0.18 26.94 -21.20
N ARG B 53 -1.47 27.09 -21.50
CA ARG B 53 -2.22 26.18 -22.36
C ARG B 53 -2.91 27.00 -23.45
N THR B 54 -2.65 26.65 -24.70
CA THR B 54 -3.03 27.47 -25.85
C THR B 54 -4.37 27.05 -26.45
N LYS B 55 -4.94 27.95 -27.25
CA LYS B 55 -6.21 27.70 -27.93
C LYS B 55 -6.18 26.43 -28.75
N ASP B 56 -4.99 25.94 -29.11
CA ASP B 56 -4.85 24.72 -29.89
C ASP B 56 -5.48 23.52 -29.17
N GLN B 57 -4.94 23.17 -28.01
CA GLN B 57 -5.34 21.96 -27.31
C GLN B 57 -6.57 22.14 -26.42
N LEU B 58 -7.21 23.31 -26.43
CA LEU B 58 -8.23 23.57 -25.42
C LEU B 58 -9.65 23.19 -25.85
N PHE B 59 -10.02 23.39 -27.11
CA PHE B 59 -11.43 23.09 -27.42
C PHE B 59 -11.75 21.60 -27.34
N PRO B 60 -10.85 20.68 -27.72
CA PRO B 60 -11.12 19.26 -27.47
C PRO B 60 -11.29 18.94 -26.00
N LEU B 61 -10.55 19.61 -25.11
CA LEU B 61 -10.76 19.43 -23.69
C LEU B 61 -12.11 19.98 -23.26
N ALA B 62 -12.47 21.18 -23.76
CA ALA B 62 -13.78 21.73 -23.44
C ALA B 62 -14.90 20.85 -23.96
N LYS B 63 -14.78 20.38 -25.22
CA LYS B 63 -15.83 19.57 -25.80
C LYS B 63 -16.03 18.27 -25.02
N GLU B 64 -14.93 17.62 -24.64
CA GLU B 64 -15.03 16.41 -23.82
C GLU B 64 -15.78 16.70 -22.53
N PHE B 65 -15.44 17.80 -21.85
CA PHE B 65 -16.11 18.12 -20.60
C PHE B 65 -17.60 18.39 -20.82
N LEU B 66 -17.92 19.19 -21.84
CA LEU B 66 -19.33 19.53 -22.07
C LEU B 66 -20.14 18.31 -22.49
N ASP B 67 -19.54 17.37 -23.21
CA ASP B 67 -20.24 16.12 -23.50
C ASP B 67 -20.59 15.40 -22.19
N GLN B 68 -19.61 15.26 -21.30
CA GLN B 68 -19.87 14.62 -20.01
C GLN B 68 -20.92 15.38 -19.21
N TYR B 69 -20.83 16.71 -19.19
CA TYR B 69 -21.81 17.50 -18.44
C TYR B 69 -23.21 17.26 -18.98
N TYR B 70 -23.39 17.41 -20.29
CA TYR B 70 -24.73 17.27 -20.84
C TYR B 70 -25.24 15.84 -20.78
N SER B 71 -24.35 14.84 -20.84
CA SER B 71 -24.80 13.47 -20.55
C SER B 71 -25.37 13.37 -19.14
N SER B 72 -24.67 13.93 -18.15
CA SER B 72 -25.09 13.77 -16.76
C SER B 72 -26.45 14.40 -16.49
N ILE B 73 -26.81 15.46 -17.20
CA ILE B 73 -28.13 16.07 -17.04
C ILE B 73 -29.13 15.55 -18.07
N LYS B 74 -28.77 14.49 -18.81
CA LYS B 74 -29.68 13.80 -19.73
C LYS B 74 -30.14 14.71 -20.86
N ARG B 75 -29.21 15.49 -21.41
CA ARG B 75 -29.49 16.38 -22.52
C ARG B 75 -28.42 16.25 -23.60
N PHE B 76 -27.80 15.09 -23.71
CA PHE B 76 -26.75 14.90 -24.70
C PHE B 76 -27.33 15.06 -26.10
N GLY B 77 -26.66 15.83 -26.93
CA GLY B 77 -27.15 16.11 -28.27
C GLY B 77 -28.31 17.05 -28.33
N SER B 78 -28.74 17.63 -27.21
CA SER B 78 -29.83 18.59 -27.25
C SER B 78 -29.41 19.87 -27.97
N LYS B 79 -30.40 20.71 -28.26
CA LYS B 79 -30.06 22.02 -28.80
C LYS B 79 -29.31 22.87 -27.78
N ALA B 80 -29.62 22.73 -26.49
CA ALA B 80 -28.84 23.43 -25.48
C ALA B 80 -27.40 22.97 -25.48
N HIS B 81 -27.18 21.66 -25.67
CA HIS B 81 -25.83 21.11 -25.74
C HIS B 81 -25.08 21.65 -26.95
N MET B 82 -25.67 21.54 -28.14
CA MET B 82 -24.98 21.98 -29.35
C MET B 82 -24.74 23.49 -29.35
N ASP B 83 -25.69 24.26 -28.82
CA ASP B 83 -25.50 25.72 -28.75
C ASP B 83 -24.36 26.08 -27.81
N ARG B 84 -24.31 25.45 -26.64
CA ARG B 84 -23.22 25.67 -25.70
C ARG B 84 -21.87 25.35 -26.34
N LEU B 85 -21.78 24.21 -27.04
CA LEU B 85 -20.55 23.86 -27.74
C LEU B 85 -20.13 24.97 -28.71
N GLU B 86 -21.07 25.44 -29.54
CA GLU B 86 -20.75 26.51 -30.46
C GLU B 86 -20.33 27.77 -29.72
N GLU B 87 -21.07 28.14 -28.67
CA GLU B 87 -20.72 29.30 -27.86
C GLU B 87 -19.29 29.21 -27.33
N VAL B 88 -18.92 28.06 -26.77
CA VAL B 88 -17.58 27.88 -26.22
C VAL B 88 -16.53 27.95 -27.34
N ASN B 89 -16.81 27.33 -28.48
CA ASN B 89 -15.86 27.36 -29.59
C ASN B 89 -15.57 28.79 -30.02
N LYS B 90 -16.61 29.58 -30.26
CA LYS B 90 -16.42 30.98 -30.66
C LYS B 90 -15.67 31.76 -29.59
N GLU B 91 -15.97 31.50 -28.31
CA GLU B 91 -15.29 32.20 -27.24
C GLU B 91 -13.81 31.84 -27.21
N ILE B 92 -13.47 30.58 -27.51
CA ILE B 92 -12.07 30.18 -27.50
C ILE B 92 -11.30 30.87 -28.63
N GLU B 93 -11.74 30.69 -29.87
CA GLU B 93 -10.96 31.24 -30.98
C GLU B 93 -10.91 32.77 -30.96
N SER B 94 -11.84 33.41 -30.26
CA SER B 94 -11.88 34.87 -30.19
C SER B 94 -11.20 35.42 -28.94
N THR B 95 -11.22 34.70 -27.83
CA THR B 95 -10.57 35.16 -26.61
C THR B 95 -9.46 34.25 -26.10
N SER B 96 -9.26 33.08 -26.70
CA SER B 96 -8.25 32.07 -26.39
C SER B 96 -8.55 31.30 -25.12
N THR B 97 -9.65 31.59 -24.42
CA THR B 97 -10.09 30.83 -23.26
C THR B 97 -11.61 30.79 -23.31
N TYR B 98 -12.24 30.36 -22.21
CA TYR B 98 -13.69 30.47 -22.09
C TYR B 98 -14.06 30.44 -20.62
N GLN B 99 -15.32 30.78 -20.34
CA GLN B 99 -15.85 30.84 -18.98
C GLN B 99 -16.90 29.76 -18.79
N LEU B 100 -16.76 28.99 -17.71
CA LEU B 100 -17.78 28.02 -17.34
C LEU B 100 -19.03 28.70 -16.81
N LYS B 101 -20.19 28.13 -17.12
CA LYS B 101 -21.42 28.52 -16.43
C LYS B 101 -21.38 28.02 -14.98
N ASP B 102 -22.22 28.62 -14.14
CA ASP B 102 -22.24 28.25 -12.73
C ASP B 102 -22.57 26.77 -12.55
N THR B 103 -23.55 26.26 -13.31
CA THR B 103 -23.88 24.83 -13.26
C THR B 103 -22.69 23.96 -13.62
N GLU B 104 -21.90 24.39 -14.62
CA GLU B 104 -20.74 23.63 -15.07
C GLU B 104 -19.63 23.65 -14.03
N LEU B 105 -19.44 24.80 -13.38
CA LEU B 105 -18.42 24.90 -12.34
C LEU B 105 -18.74 23.97 -11.17
N ILE B 106 -20.01 23.91 -10.77
CA ILE B 106 -20.40 23.07 -9.63
C ILE B 106 -20.23 21.60 -9.97
N TYR B 107 -20.73 21.19 -11.14
CA TYR B 107 -20.53 19.82 -11.62
C TYR B 107 -19.05 19.48 -11.67
N GLY B 108 -18.24 20.38 -12.22
CA GLY B 108 -16.82 20.11 -12.38
C GLY B 108 -16.10 19.92 -11.06
N ALA B 109 -16.40 20.76 -10.07
CA ALA B 109 -15.75 20.64 -8.77
C ALA B 109 -16.15 19.33 -8.08
N LYS B 110 -17.42 18.97 -8.15
CA LYS B 110 -17.89 17.74 -7.54
C LYS B 110 -17.25 16.53 -8.20
N HIS B 111 -17.07 16.57 -9.51
CA HIS B 111 -16.50 15.41 -10.19
C HIS B 111 -14.99 15.34 -10.04
N ALA B 112 -14.32 16.48 -9.87
CA ALA B 112 -12.92 16.44 -9.51
C ALA B 112 -12.71 15.69 -8.20
N TRP B 113 -13.63 15.88 -7.24
CA TRP B 113 -13.56 15.10 -6.00
C TRP B 113 -13.94 13.65 -6.26
N ARG B 114 -15.04 13.41 -6.98
CA ARG B 114 -15.49 12.07 -7.28
C ARG B 114 -14.39 11.24 -7.94
N ASN B 115 -13.52 11.90 -8.71
CA ASN B 115 -12.46 11.28 -9.48
C ASN B 115 -11.15 11.17 -8.73
N ALA B 116 -11.09 11.65 -7.49
CA ALA B 116 -9.81 11.74 -6.80
C ALA B 116 -9.48 10.36 -6.25
N SER B 117 -8.63 9.63 -6.97
CA SER B 117 -8.48 8.20 -6.69
C SER B 117 -7.78 7.93 -5.35
N ARG B 118 -7.13 8.94 -4.77
CA ARG B 118 -6.47 8.77 -3.48
C ARG B 118 -7.34 9.13 -2.27
N CYS B 119 -8.61 9.49 -2.48
CA CYS B 119 -9.45 10.01 -1.39
C CYS B 119 -10.40 8.93 -0.92
N VAL B 120 -10.28 8.54 0.36
CA VAL B 120 -11.16 7.52 0.93
C VAL B 120 -12.51 8.09 1.33
N GLY B 121 -12.68 9.41 1.33
CA GLY B 121 -13.91 10.00 1.81
C GLY B 121 -14.93 10.32 0.73
N ARG B 122 -14.82 9.68 -0.43
CA ARG B 122 -15.57 10.10 -1.59
C ARG B 122 -17.03 9.69 -1.58
N ILE B 123 -17.50 8.93 -0.58
CA ILE B 123 -18.93 8.66 -0.54
C ILE B 123 -19.72 9.96 -0.46
N GLN B 124 -19.10 11.03 0.03
CA GLN B 124 -19.72 12.32 0.26
C GLN B 124 -19.65 13.24 -0.95
N TRP B 125 -19.14 12.76 -2.09
CA TRP B 125 -18.68 13.66 -3.16
C TRP B 125 -19.80 14.57 -3.67
N SER B 126 -21.04 14.10 -3.68
CA SER B 126 -22.12 14.88 -4.26
C SER B 126 -22.66 15.94 -3.31
N LYS B 127 -22.22 15.93 -2.06
CA LYS B 127 -22.62 16.92 -1.06
C LYS B 127 -21.44 17.84 -0.81
N LEU B 128 -21.12 18.64 -1.82
CA LEU B 128 -20.04 19.61 -1.77
C LEU B 128 -20.68 20.98 -1.97
N GLN B 129 -20.38 21.90 -1.08
CA GLN B 129 -20.86 23.28 -1.21
C GLN B 129 -19.81 24.05 -2.01
N VAL B 130 -20.21 24.58 -3.16
CA VAL B 130 -19.28 25.23 -4.08
C VAL B 130 -19.48 26.75 -3.96
N PHE B 131 -18.42 27.46 -3.56
CA PHE B 131 -18.45 28.92 -3.52
C PHE B 131 -17.70 29.45 -4.73
N ASP B 132 -18.39 30.23 -5.54
CA ASP B 132 -17.85 30.82 -6.77
C ASP B 132 -17.18 32.14 -6.40
N ALA B 133 -15.85 32.14 -6.37
CA ALA B 133 -15.08 33.35 -6.10
C ALA B 133 -14.36 33.87 -7.34
N ARG B 134 -14.92 33.59 -8.52
CA ARG B 134 -14.28 34.02 -9.76
C ARG B 134 -14.37 35.52 -10.02
N ASP B 135 -15.13 36.28 -9.21
CA ASP B 135 -15.13 37.74 -9.33
C ASP B 135 -14.08 38.40 -8.45
N CYS B 136 -13.27 37.61 -7.75
CA CYS B 136 -12.24 38.13 -6.86
C CYS B 136 -11.12 38.80 -7.64
N THR B 137 -10.57 39.91 -7.10
CA THR B 137 -9.49 40.61 -7.78
C THR B 137 -8.29 40.95 -6.91
N THR B 138 -8.40 40.92 -5.58
CA THR B 138 -7.29 41.29 -4.71
C THR B 138 -7.13 40.24 -3.61
N ALA B 139 -5.96 40.30 -2.95
CA ALA B 139 -5.70 39.41 -1.81
C ALA B 139 -6.69 39.66 -0.69
N HIS B 140 -6.98 40.93 -0.38
CA HIS B 140 -8.00 41.24 0.61
C HIS B 140 -9.31 40.56 0.27
N GLY B 141 -9.70 40.59 -1.00
CA GLY B 141 -10.91 39.87 -1.38
C GLY B 141 -10.78 38.38 -1.16
N MET B 142 -9.59 37.82 -1.44
CA MET B 142 -9.36 36.40 -1.18
C MET B 142 -9.50 36.10 0.30
N PHE B 143 -8.94 36.96 1.15
CA PHE B 143 -9.08 36.79 2.59
C PHE B 143 -10.54 36.72 3.00
N ASN B 144 -11.36 37.62 2.45
CA ASN B 144 -12.78 37.64 2.79
C ASN B 144 -13.47 36.34 2.37
N TYR B 145 -13.22 35.89 1.13
CA TYR B 145 -13.83 34.64 0.65
C TYR B 145 -13.42 33.47 1.53
N ILE B 146 -12.16 33.46 1.97
CA ILE B 146 -11.64 32.32 2.73
C ILE B 146 -12.20 32.34 4.15
N CYS B 147 -12.35 33.53 4.73
CA CYS B 147 -12.98 33.61 6.04
C CYS B 147 -14.38 33.03 6.00
N ASN B 148 -15.15 33.38 4.95
CA ASN B 148 -16.53 32.92 4.87
C ASN B 148 -16.58 31.41 4.63
N HIS B 149 -15.63 30.90 3.88
CA HIS B 149 -15.50 29.44 3.70
C HIS B 149 -15.25 28.77 5.05
N VAL B 150 -14.26 29.26 5.80
CA VAL B 150 -13.93 28.62 7.07
C VAL B 150 -15.12 28.65 8.00
N LYS B 151 -15.86 29.76 8.00
CA LYS B 151 -17.00 29.85 8.90
C LYS B 151 -18.10 28.90 8.47
N TYR B 152 -18.42 28.89 7.17
CA TYR B 152 -19.46 27.98 6.67
C TYR B 152 -19.06 26.53 6.92
N ALA B 153 -17.81 26.20 6.59
CA ALA B 153 -17.35 24.81 6.68
C ALA B 153 -17.30 24.32 8.12
N THR B 154 -16.90 25.20 9.05
CA THR B 154 -16.76 24.78 10.44
C THR B 154 -18.11 24.58 11.10
N ASN B 155 -19.05 25.51 10.90
CA ASN B 155 -20.43 25.31 11.35
C ASN B 155 -20.48 24.89 12.82
N LYS B 156 -19.68 25.56 13.65
CA LYS B 156 -19.60 25.33 15.09
C LYS B 156 -19.33 23.86 15.44
N GLY B 157 -18.62 23.13 14.58
CA GLY B 157 -18.24 21.75 14.83
C GLY B 157 -18.96 20.73 13.99
N ASN B 158 -20.12 21.09 13.44
CA ASN B 158 -20.88 20.21 12.55
C ASN B 158 -20.39 20.44 11.12
N LEU B 159 -19.19 19.91 10.85
CA LEU B 159 -18.45 20.25 9.63
C LEU B 159 -19.22 19.92 8.36
N ARG B 160 -19.03 20.78 7.36
CA ARG B 160 -19.70 20.73 6.06
C ARG B 160 -18.63 20.88 4.98
N SER B 161 -18.63 19.96 4.01
CA SER B 161 -17.67 20.03 2.91
C SER B 161 -17.89 21.27 2.04
N ALA B 162 -16.80 21.90 1.62
CA ALA B 162 -16.94 23.11 0.81
C ALA B 162 -15.67 23.33 -0.01
N ILE B 163 -15.81 24.07 -1.11
CA ILE B 163 -14.68 24.49 -1.93
C ILE B 163 -14.94 25.93 -2.39
N THR B 164 -13.88 26.73 -2.46
CA THR B 164 -13.98 28.11 -2.95
C THR B 164 -13.06 28.26 -4.14
N ILE B 165 -13.61 28.71 -5.27
CA ILE B 165 -12.90 28.66 -6.54
C ILE B 165 -12.60 30.07 -7.01
N PHE B 166 -11.31 30.40 -7.05
CA PHE B 166 -10.83 31.72 -7.46
C PHE B 166 -10.62 31.74 -8.96
N PRO B 167 -10.36 32.92 -9.56
CA PRO B 167 -10.27 32.99 -11.02
C PRO B 167 -9.25 32.02 -11.60
N GLN B 168 -9.59 31.47 -12.77
CA GLN B 168 -8.75 30.54 -13.51
C GLN B 168 -7.50 31.22 -14.06
N ARG B 169 -6.53 30.38 -14.39
CA ARG B 169 -5.29 30.85 -14.99
C ARG B 169 -5.54 31.44 -16.37
N THR B 170 -4.80 32.51 -16.70
CA THR B 170 -4.94 33.15 -18.00
C THR B 170 -3.63 32.91 -18.74
N ASP B 171 -2.62 33.77 -18.58
CA ASP B 171 -1.35 33.55 -19.26
C ASP B 171 -0.27 32.98 -18.34
N GLY B 172 -0.63 32.53 -17.14
CA GLY B 172 0.33 32.03 -16.19
C GLY B 172 1.13 33.11 -15.47
N LYS B 173 1.02 34.37 -15.88
CA LYS B 173 1.67 35.47 -15.19
C LYS B 173 0.73 36.17 -14.22
N HIS B 174 -0.51 35.73 -14.12
CA HIS B 174 -1.53 36.40 -13.31
C HIS B 174 -2.25 35.41 -12.41
N ASP B 175 -1.53 34.39 -11.93
CA ASP B 175 -2.17 33.34 -11.14
C ASP B 175 -2.69 33.86 -9.81
N PHE B 176 -3.85 33.34 -9.41
CA PHE B 176 -4.24 33.34 -8.01
C PHE B 176 -3.68 32.08 -7.33
N ARG B 177 -3.10 32.27 -6.14
CA ARG B 177 -2.56 31.16 -5.37
C ARG B 177 -2.80 31.41 -3.90
N VAL B 178 -3.11 30.35 -3.17
CA VAL B 178 -3.00 30.35 -1.71
C VAL B 178 -1.64 29.74 -1.38
N TRP B 179 -0.73 30.53 -0.78
CA TRP B 179 0.61 30.01 -0.56
C TRP B 179 0.67 28.98 0.56
N ASN B 180 -0.30 29.00 1.48
CA ASN B 180 -0.41 27.97 2.50
C ASN B 180 -0.71 26.63 1.87
N SER B 181 -0.26 25.55 2.53
CA SER B 181 -0.61 24.23 2.01
C SER B 181 -1.98 23.78 2.50
N GLN B 182 -2.36 24.21 3.70
CA GLN B 182 -3.74 24.16 4.17
C GLN B 182 -4.09 25.52 4.77
N LEU B 183 -5.40 25.83 4.80
CA LEU B 183 -5.84 27.13 5.33
C LEU B 183 -5.49 27.29 6.80
N ILE B 184 -5.60 26.22 7.58
CA ILE B 184 -5.25 26.24 9.00
C ILE B 184 -4.13 25.22 9.22
N ARG B 185 -2.97 25.69 9.68
CA ARG B 185 -1.82 24.85 9.99
C ARG B 185 -0.99 25.54 11.06
N TYR B 186 -0.24 24.75 11.84
CA TYR B 186 0.60 25.31 12.90
C TYR B 186 2.02 25.61 12.40
N ALA B 187 2.59 26.70 12.91
CA ALA B 187 3.95 27.09 12.56
C ALA B 187 4.98 26.08 13.09
N GLY B 188 6.13 26.08 12.44
CA GLY B 188 7.29 25.34 12.92
C GLY B 188 8.54 26.18 12.85
N TYR B 189 9.36 26.08 13.88
CA TYR B 189 10.54 26.92 14.04
C TYR B 189 11.77 26.05 14.27
N LYS B 190 12.76 26.18 13.41
CA LYS B 190 14.05 25.51 13.62
C LYS B 190 14.85 26.34 14.62
N GLN B 191 15.27 25.71 15.71
CA GLN B 191 16.07 26.38 16.73
C GLN B 191 17.55 26.31 16.38
N PRO B 192 18.36 27.21 16.94
CA PRO B 192 19.81 27.14 16.70
C PRO B 192 20.46 25.82 17.13
N ASP B 193 19.95 25.19 18.18
CA ASP B 193 20.50 23.93 18.66
C ASP B 193 20.09 22.73 17.82
N GLY B 194 19.37 22.94 16.71
CA GLY B 194 18.94 21.87 15.84
C GLY B 194 17.55 21.34 16.10
N SER B 195 16.96 21.64 17.25
CA SER B 195 15.61 21.18 17.56
C SER B 195 14.58 22.02 16.80
N THR B 196 13.34 21.53 16.80
CA THR B 196 12.23 22.18 16.12
C THR B 196 11.11 22.43 17.13
N LEU B 197 10.63 23.67 17.17
CA LEU B 197 9.47 24.03 17.97
C LEU B 197 8.27 24.13 17.05
N GLY B 198 7.18 23.46 17.42
CA GLY B 198 6.01 23.44 16.59
C GLY B 198 5.98 22.28 15.59
N ASP B 199 5.39 22.51 14.43
CA ASP B 199 5.16 21.45 13.46
C ASP B 199 6.31 21.43 12.46
N PRO B 200 7.16 20.40 12.46
CA PRO B 200 8.31 20.41 11.55
C PRO B 200 7.90 20.49 10.09
N ALA B 201 6.70 20.00 9.75
CA ALA B 201 6.24 20.05 8.36
C ALA B 201 6.14 21.47 7.82
N ASN B 202 6.06 22.47 8.69
CA ASN B 202 5.72 23.82 8.25
C ASN B 202 6.88 24.79 8.47
N VAL B 203 8.09 24.28 8.68
CA VAL B 203 9.24 25.14 8.97
C VAL B 203 9.52 26.06 7.79
N GLN B 204 9.54 25.51 6.57
CA GLN B 204 9.91 26.33 5.42
C GLN B 204 8.86 27.41 5.17
N PHE B 205 7.58 27.05 5.25
CA PHE B 205 6.54 28.05 5.02
C PHE B 205 6.54 29.11 6.12
N THR B 206 6.74 28.68 7.37
CA THR B 206 6.85 29.61 8.49
C THR B 206 7.95 30.64 8.26
N GLU B 207 9.11 30.20 7.75
CA GLU B 207 10.20 31.11 7.47
C GLU B 207 9.81 32.15 6.43
N ILE B 208 9.07 31.73 5.40
CA ILE B 208 8.60 32.67 4.39
C ILE B 208 7.69 33.70 5.01
N CYS B 209 6.75 33.25 5.84
CA CYS B 209 5.83 34.18 6.51
C CYS B 209 6.59 35.22 7.32
N ILE B 210 7.55 34.78 8.15
CA ILE B 210 8.34 35.69 8.94
C ILE B 210 9.10 36.66 8.06
N GLN B 211 9.64 36.17 6.95
CA GLN B 211 10.36 37.03 6.03
C GLN B 211 9.43 38.06 5.39
N GLN B 212 8.16 37.73 5.22
CA GLN B 212 7.17 38.67 4.70
C GLN B 212 6.63 39.61 5.77
N GLY B 213 7.14 39.55 6.99
CA GLY B 213 6.75 40.49 8.02
C GLY B 213 5.86 39.94 9.12
N TRP B 214 5.54 38.65 9.09
CA TRP B 214 4.75 38.05 10.16
C TRP B 214 5.53 38.08 11.47
N LYS B 215 4.87 38.53 12.53
CA LYS B 215 5.46 38.49 13.86
C LYS B 215 5.08 37.16 14.50
N ALA B 216 6.05 36.27 14.66
CA ALA B 216 5.76 34.93 15.13
C ALA B 216 5.66 34.90 16.64
N PRO B 217 4.59 34.37 17.22
CA PRO B 217 4.57 34.13 18.67
C PRO B 217 5.64 33.16 19.13
N ARG B 218 6.18 32.34 18.22
CA ARG B 218 7.18 31.31 18.55
C ARG B 218 6.68 30.39 19.66
N GLY B 219 5.45 29.92 19.53
CA GLY B 219 4.93 28.87 20.37
C GLY B 219 4.82 27.55 19.61
N ARG B 220 4.29 26.54 20.31
CA ARG B 220 4.22 25.21 19.73
C ARG B 220 2.99 24.99 18.85
N PHE B 221 1.92 25.78 19.04
CA PHE B 221 0.69 25.64 18.25
C PHE B 221 0.20 27.02 17.79
N ASP B 222 1.03 27.73 17.03
CA ASP B 222 0.67 29.02 16.46
C ASP B 222 -0.01 28.81 15.11
N VAL B 223 -1.27 29.26 15.00
CA VAL B 223 -1.93 29.23 13.70
C VAL B 223 -1.18 30.14 12.74
N LEU B 224 -0.82 29.62 11.58
CA LEU B 224 -0.09 30.43 10.61
C LEU B 224 -1.01 31.47 9.96
N PRO B 225 -0.45 32.58 9.49
CA PRO B 225 -1.25 33.55 8.74
C PRO B 225 -1.50 33.05 7.34
N LEU B 226 -2.52 33.63 6.71
CA LEU B 226 -2.77 33.37 5.31
C LEU B 226 -1.81 34.19 4.46
N LEU B 227 -1.24 33.57 3.43
CA LEU B 227 -0.35 34.24 2.49
C LEU B 227 -1.01 34.11 1.11
N LEU B 228 -1.65 35.18 0.66
CA LEU B 228 -2.59 35.10 -0.46
C LEU B 228 -2.07 35.89 -1.64
N GLN B 229 -2.15 35.30 -2.83
CA GLN B 229 -1.66 35.91 -4.07
C GLN B 229 -2.83 36.05 -5.05
N ALA B 230 -3.12 37.30 -5.45
CA ALA B 230 -4.17 37.60 -6.41
C ALA B 230 -3.59 38.13 -7.71
N ASN B 231 -4.02 37.56 -8.84
CA ASN B 231 -3.73 38.11 -10.17
C ASN B 231 -2.23 38.22 -10.45
N GLY B 232 -1.42 37.34 -9.85
CA GLY B 232 0.01 37.39 -10.11
C GLY B 232 0.80 38.39 -9.29
N ASN B 233 0.15 39.16 -8.41
CA ASN B 233 0.86 40.12 -7.58
C ASN B 233 1.57 39.41 -6.43
N ASP B 234 2.46 40.14 -5.76
CA ASP B 234 3.14 39.59 -4.60
C ASP B 234 2.11 39.18 -3.55
N PRO B 235 2.36 38.09 -2.82
CA PRO B 235 1.37 37.64 -1.84
C PRO B 235 1.35 38.54 -0.61
N GLU B 236 0.21 38.54 0.07
CA GLU B 236 0.00 39.41 1.22
C GLU B 236 -0.47 38.58 2.41
N LEU B 237 -0.06 39.02 3.60
CA LEU B 237 -0.35 38.32 4.85
C LEU B 237 -1.64 38.80 5.48
N PHE B 238 -2.41 37.84 6.01
CA PHE B 238 -3.63 38.08 6.76
C PHE B 238 -3.70 37.08 7.92
N GLN B 239 -4.31 37.50 9.02
CA GLN B 239 -4.52 36.67 10.19
C GLN B 239 -5.98 36.24 10.23
N ILE B 240 -6.23 34.93 10.18
CA ILE B 240 -7.60 34.42 10.36
C ILE B 240 -8.09 34.81 11.74
N PRO B 241 -9.27 35.41 11.87
CA PRO B 241 -9.81 35.72 13.19
C PRO B 241 -9.84 34.48 14.07
N PRO B 242 -9.24 34.54 15.26
CA PRO B 242 -9.11 33.30 16.06
C PRO B 242 -10.44 32.65 16.40
N GLU B 243 -11.52 33.42 16.48
CA GLU B 243 -12.82 32.82 16.76
C GLU B 243 -13.35 32.01 15.59
N LEU B 244 -12.75 32.13 14.41
CA LEU B 244 -13.09 31.27 13.29
C LEU B 244 -12.28 29.98 13.26
N VAL B 245 -11.23 29.86 14.08
CA VAL B 245 -10.37 28.69 14.06
C VAL B 245 -10.78 27.80 15.23
N LEU B 246 -11.57 26.77 14.94
CA LEU B 246 -12.00 25.82 15.96
C LEU B 246 -10.88 24.82 16.27
N GLU B 247 -10.52 24.72 17.55
CA GLU B 247 -9.47 23.81 17.99
C GLU B 247 -9.99 22.90 19.10
N VAL B 248 -9.32 21.75 19.25
CA VAL B 248 -9.74 20.71 20.17
C VAL B 248 -8.56 20.33 21.06
N PRO B 249 -8.63 20.53 22.38
CA PRO B 249 -7.58 20.01 23.25
C PRO B 249 -7.61 18.48 23.26
N ILE B 250 -6.43 17.88 23.16
CA ILE B 250 -6.37 16.43 23.04
C ILE B 250 -6.16 15.86 24.44
N ARG B 251 -7.12 15.03 24.87
CA ARG B 251 -7.03 14.29 26.12
C ARG B 251 -7.40 12.84 25.87
N HIS B 252 -7.13 12.00 26.86
CA HIS B 252 -7.34 10.56 26.75
C HIS B 252 -8.38 10.11 27.75
N PRO B 253 -9.27 9.19 27.36
CA PRO B 253 -10.38 8.81 28.26
C PRO B 253 -9.97 8.01 29.48
N LYS B 254 -8.76 7.45 29.52
CA LYS B 254 -8.27 6.75 30.69
C LYS B 254 -6.99 7.34 31.27
N PHE B 255 -6.16 7.95 30.44
CA PHE B 255 -4.86 8.48 30.86
C PHE B 255 -5.03 9.95 31.23
N ASP B 256 -5.19 10.23 32.52
CA ASP B 256 -5.31 11.60 32.98
C ASP B 256 -4.07 12.42 32.66
N TRP B 257 -2.91 11.78 32.54
CA TRP B 257 -1.68 12.52 32.25
C TRP B 257 -1.59 12.97 30.79
N PHE B 258 -2.46 12.49 29.92
CA PHE B 258 -2.35 12.80 28.49
C PHE B 258 -2.58 14.28 28.23
N LYS B 259 -3.53 14.89 28.95
CA LYS B 259 -3.77 16.32 28.79
C LYS B 259 -2.51 17.13 29.05
N ASP B 260 -1.64 16.65 29.94
CA ASP B 260 -0.46 17.40 30.35
C ASP B 260 0.61 17.46 29.26
N LEU B 261 0.48 16.67 28.20
CA LEU B 261 1.34 16.83 27.03
C LEU B 261 1.12 18.16 26.34
N GLY B 262 -0.02 18.81 26.58
CA GLY B 262 -0.30 20.12 26.03
C GLY B 262 -0.70 20.14 24.58
N LEU B 263 -1.15 19.00 24.04
CA LEU B 263 -1.45 18.91 22.62
C LEU B 263 -2.85 19.41 22.30
N LYS B 264 -3.01 19.90 21.08
CA LYS B 264 -4.30 20.29 20.54
C LYS B 264 -4.19 20.21 19.03
N TRP B 265 -5.34 20.22 18.36
CA TRP B 265 -5.33 20.25 16.90
C TRP B 265 -6.54 21.06 16.44
N TYR B 266 -6.51 21.44 15.17
CA TYR B 266 -7.60 22.23 14.62
C TYR B 266 -8.64 21.31 13.99
N GLY B 267 -9.88 21.79 13.96
CA GLY B 267 -10.97 20.92 13.53
C GLY B 267 -11.12 20.79 12.04
N LEU B 268 -10.66 21.77 11.25
CA LEU B 268 -11.02 21.86 9.83
C LEU B 268 -9.84 21.54 8.93
N PRO B 269 -9.85 20.39 8.24
CA PRO B 269 -8.78 20.09 7.27
C PRO B 269 -9.12 20.69 5.92
N ALA B 270 -8.29 21.60 5.43
CA ALA B 270 -8.69 22.46 4.30
C ALA B 270 -7.49 22.63 3.37
N VAL B 271 -7.41 21.77 2.38
CA VAL B 271 -6.24 21.72 1.50
C VAL B 271 -6.29 22.86 0.49
N SER B 272 -5.21 23.61 0.38
CA SER B 272 -5.27 24.86 -0.38
C SER B 272 -4.18 24.99 -1.43
N ASN B 273 -3.36 23.95 -1.69
CA ASN B 273 -2.27 24.08 -2.66
C ASN B 273 -2.49 23.28 -3.93
N MET B 274 -3.67 22.72 -4.14
CA MET B 274 -3.88 21.91 -5.33
C MET B 274 -4.48 22.75 -6.46
N LEU B 275 -4.42 22.18 -7.66
CA LEU B 275 -4.96 22.81 -8.85
C LEU B 275 -6.17 22.00 -9.32
N LEU B 276 -7.26 22.69 -9.61
CA LEU B 276 -8.48 22.07 -10.11
C LEU B 276 -8.57 22.28 -11.61
N GLU B 277 -8.68 21.19 -12.36
CA GLU B 277 -8.78 21.25 -13.82
C GLU B 277 -10.18 20.84 -14.24
N ILE B 278 -10.83 21.70 -15.03
CA ILE B 278 -12.20 21.48 -15.52
C ILE B 278 -12.24 21.92 -16.98
N GLY B 279 -12.49 20.98 -17.88
CA GLY B 279 -12.62 21.32 -19.29
C GLY B 279 -11.42 22.03 -19.86
N GLY B 280 -10.21 21.69 -19.39
CA GLY B 280 -9.00 22.34 -19.82
C GLY B 280 -8.69 23.65 -19.11
N LEU B 281 -9.63 24.19 -18.33
CA LEU B 281 -9.34 25.38 -17.54
C LEU B 281 -8.65 24.98 -16.24
N GLU B 282 -7.79 25.87 -15.75
CA GLU B 282 -6.94 25.56 -14.60
C GLU B 282 -7.20 26.56 -13.48
N PHE B 283 -7.75 26.07 -12.38
CA PHE B 283 -8.04 26.89 -11.21
C PHE B 283 -6.94 26.63 -10.18
N SER B 284 -5.92 27.48 -10.19
CA SER B 284 -4.74 27.36 -9.36
C SER B 284 -4.97 27.71 -7.90
N ALA B 285 -6.08 28.36 -7.57
CA ALA B 285 -6.44 28.63 -6.17
C ALA B 285 -7.86 28.13 -5.96
N CYS B 286 -8.00 27.00 -5.25
CA CYS B 286 -9.29 26.36 -5.07
C CYS B 286 -9.38 25.64 -3.72
N PRO B 287 -9.15 26.34 -2.61
CA PRO B 287 -9.12 25.62 -1.31
C PRO B 287 -10.41 24.84 -1.05
N PHE B 288 -10.26 23.60 -0.57
CA PHE B 288 -11.39 22.76 -0.24
C PHE B 288 -11.21 22.12 1.12
N SER B 289 -12.32 21.71 1.71
CA SER B 289 -12.27 21.24 3.09
C SER B 289 -13.33 20.17 3.27
N GLY B 290 -13.07 19.28 4.21
CA GLY B 290 -14.04 18.27 4.59
C GLY B 290 -14.02 18.13 6.09
N TRP B 291 -13.82 16.90 6.57
CA TRP B 291 -13.56 16.67 7.98
C TRP B 291 -12.52 15.55 8.12
N TYR B 292 -11.92 15.45 9.30
CA TYR B 292 -10.74 14.61 9.45
C TYR B 292 -11.12 13.15 9.61
N MET B 293 -10.29 12.27 9.05
CA MET B 293 -10.15 10.90 9.55
C MET B 293 -9.12 10.92 10.67
N GLY B 294 -9.46 10.24 11.78
CA GLY B 294 -8.63 10.35 12.98
C GLY B 294 -7.15 10.10 12.74
N THR B 295 -6.83 9.13 11.89
CA THR B 295 -5.43 8.76 11.69
C THR B 295 -4.61 9.86 11.04
N GLU B 296 -5.25 10.76 10.28
CA GLU B 296 -4.51 11.88 9.71
C GLU B 296 -3.80 12.68 10.80
N ILE B 297 -4.48 12.93 11.92
CA ILE B 297 -3.85 13.62 13.04
C ILE B 297 -3.00 12.67 13.87
N GLY B 298 -3.60 11.53 14.29
CA GLY B 298 -3.04 10.76 15.38
C GLY B 298 -1.92 9.81 14.97
N VAL B 299 -1.89 9.42 13.70
CA VAL B 299 -0.80 8.62 13.15
C VAL B 299 0.25 9.47 12.47
N ARG B 300 -0.19 10.31 11.52
CA ARG B 300 0.75 11.06 10.71
C ARG B 300 1.19 12.35 11.41
N ASP B 301 0.24 13.24 11.74
CA ASP B 301 0.58 14.55 12.29
C ASP B 301 1.32 14.46 13.62
N TYR B 302 1.10 13.41 14.41
CA TYR B 302 1.68 13.31 15.74
C TYR B 302 2.82 12.32 15.85
N CYS B 303 2.89 11.33 14.95
CA CYS B 303 3.78 10.18 15.12
C CYS B 303 4.74 9.96 13.96
N ASP B 304 4.52 10.56 12.79
CA ASP B 304 5.57 10.63 11.80
C ASP B 304 6.84 11.18 12.44
N ASN B 305 7.96 10.48 12.20
CA ASN B 305 9.24 10.90 12.76
C ASN B 305 9.60 12.34 12.38
N SER B 306 9.17 12.80 11.19
CA SER B 306 9.43 14.14 10.71
CA SER B 306 9.44 14.15 10.74
C SER B 306 8.29 15.11 11.03
N ARG B 307 7.42 14.76 11.99
CA ARG B 307 6.36 15.67 12.45
C ARG B 307 6.51 15.90 13.95
N TYR B 308 5.38 15.99 14.69
CA TYR B 308 5.50 16.27 16.12
C TYR B 308 6.23 15.16 16.85
N ASN B 309 6.04 13.91 16.40
CA ASN B 309 6.89 12.80 16.83
C ASN B 309 6.87 12.62 18.35
N ILE B 310 5.65 12.46 18.88
CA ILE B 310 5.44 12.37 20.32
C ILE B 310 5.37 10.92 20.79
N LEU B 311 5.71 9.97 19.93
CA LEU B 311 5.61 8.55 20.28
C LEU B 311 6.40 8.23 21.56
N GLU B 312 7.63 8.74 21.65
CA GLU B 312 8.47 8.34 22.77
C GLU B 312 7.94 8.92 24.07
N GLU B 313 7.49 10.18 24.08
CA GLU B 313 7.01 10.73 25.33
C GLU B 313 5.71 10.04 25.78
N VAL B 314 4.85 9.65 24.84
CA VAL B 314 3.70 8.85 25.22
C VAL B 314 4.13 7.48 25.72
N ALA B 315 5.10 6.86 25.05
CA ALA B 315 5.59 5.56 25.50
C ALA B 315 6.21 5.65 26.89
N LYS B 316 6.97 6.72 27.15
CA LYS B 316 7.57 6.89 28.47
C LYS B 316 6.50 6.99 29.55
N LYS B 317 5.51 7.87 29.34
CA LYS B 317 4.45 8.06 30.32
C LYS B 317 3.57 6.84 30.48
N MET B 318 3.53 5.94 29.49
CA MET B 318 2.89 4.64 29.66
C MET B 318 3.81 3.62 30.30
N ASP B 319 5.09 3.94 30.49
CA ASP B 319 6.09 3.04 31.06
C ASP B 319 6.12 1.72 30.29
N LEU B 320 6.35 1.84 28.99
CA LEU B 320 6.52 0.68 28.14
C LEU B 320 8.00 0.30 28.08
N ASP B 321 8.25 -0.95 27.69
CA ASP B 321 9.61 -1.42 27.41
C ASP B 321 10.05 -0.81 26.09
N MET B 322 10.87 0.24 26.15
CA MET B 322 11.36 0.92 24.97
C MET B 322 12.77 0.47 24.59
N ARG B 323 13.30 -0.55 25.27
CA ARG B 323 14.65 -1.02 24.99
C ARG B 323 14.74 -1.64 23.59
N LYS B 324 13.82 -2.54 23.27
CA LYS B 324 13.80 -3.23 22.00
C LYS B 324 12.51 -2.92 21.25
N THR B 325 12.59 -2.94 19.92
CA THR B 325 11.39 -2.66 19.13
C THR B 325 10.38 -3.79 19.22
N SER B 326 10.83 -5.03 19.46
CA SER B 326 9.92 -6.17 19.43
C SER B 326 8.94 -6.17 20.61
N SER B 327 9.09 -5.24 21.56
CA SER B 327 8.04 -5.04 22.55
C SER B 327 6.83 -4.30 21.96
N LEU B 328 6.94 -3.79 20.74
CA LEU B 328 5.88 -3.03 20.07
C LEU B 328 5.41 -1.83 20.91
N TRP B 329 6.34 -1.20 21.61
CA TRP B 329 5.98 0.01 22.34
C TRP B 329 5.47 1.10 21.40
N LYS B 330 6.03 1.19 20.19
CA LYS B 330 5.57 2.21 19.26
C LYS B 330 4.14 1.97 18.81
N ASP B 331 3.85 0.71 18.44
CA ASP B 331 2.50 0.32 18.06
C ASP B 331 1.52 0.60 19.18
N GLN B 332 1.90 0.28 20.41
CA GLN B 332 1.03 0.50 21.56
C GLN B 332 0.75 1.98 21.77
N ALA B 333 1.81 2.81 21.74
CA ALA B 333 1.62 4.24 21.92
C ALA B 333 0.80 4.84 20.78
N LEU B 334 0.96 4.31 19.57
CA LEU B 334 0.24 4.86 18.42
C LEU B 334 -1.26 4.65 18.57
N VAL B 335 -1.69 3.46 18.99
CA VAL B 335 -3.11 3.22 19.21
C VAL B 335 -3.67 4.19 20.24
N GLU B 336 -2.94 4.36 21.36
CA GLU B 336 -3.46 5.22 22.43
C GLU B 336 -3.60 6.67 21.96
N ILE B 337 -2.60 7.19 21.24
CA ILE B 337 -2.68 8.55 20.71
C ILE B 337 -3.90 8.70 19.81
N ASN B 338 -4.19 7.67 19.01
CA ASN B 338 -5.33 7.75 18.11
C ASN B 338 -6.65 7.58 18.83
N ILE B 339 -6.65 6.87 19.97
CA ILE B 339 -7.83 6.86 20.82
C ILE B 339 -8.09 8.25 21.36
N ALA B 340 -7.04 8.93 21.81
CA ALA B 340 -7.20 10.25 22.42
C ALA B 340 -7.69 11.28 21.39
N VAL B 341 -7.21 11.21 20.15
CA VAL B 341 -7.67 12.15 19.11
C VAL B 341 -9.16 11.99 18.87
N LEU B 342 -9.61 10.76 18.64
CA LEU B 342 -11.03 10.51 18.40
C LEU B 342 -11.87 10.89 19.60
N TYR B 343 -11.42 10.53 20.81
CA TYR B 343 -12.18 10.85 22.01
C TYR B 343 -12.34 12.35 22.19
N SER B 344 -11.25 13.10 21.98
CA SER B 344 -11.31 14.55 22.19
C SER B 344 -12.27 15.20 21.20
N PHE B 345 -12.20 14.82 19.92
CA PHE B 345 -13.10 15.40 18.92
C PHE B 345 -14.55 15.04 19.19
N GLN B 346 -14.83 13.77 19.47
CA GLN B 346 -16.22 13.39 19.77
C GLN B 346 -16.74 14.09 21.03
N SER B 347 -15.88 14.25 22.05
CA SER B 347 -16.33 14.86 23.30
C SER B 347 -16.73 16.31 23.07
N ASP B 348 -16.03 17.00 22.19
CA ASP B 348 -16.29 18.39 21.85
C ASP B 348 -17.24 18.53 20.67
N LYS B 349 -17.84 17.43 20.20
CA LYS B 349 -18.84 17.48 19.13
C LYS B 349 -18.27 18.10 17.85
N VAL B 350 -17.03 17.76 17.52
CA VAL B 350 -16.42 18.19 16.26
C VAL B 350 -16.38 16.97 15.36
N THR B 351 -16.95 17.09 14.15
CA THR B 351 -17.03 15.96 13.24
C THR B 351 -15.67 15.30 13.02
N ILE B 352 -15.64 13.98 13.17
CA ILE B 352 -14.45 13.17 12.87
C ILE B 352 -14.94 11.77 12.53
N VAL B 353 -14.11 11.02 11.80
CA VAL B 353 -14.45 9.65 11.43
C VAL B 353 -13.23 8.76 11.68
N ASP B 354 -13.46 7.60 12.29
CA ASP B 354 -12.34 6.69 12.49
C ASP B 354 -12.05 5.94 11.20
N HIS B 355 -10.88 5.32 11.14
CA HIS B 355 -10.49 4.62 9.92
C HIS B 355 -11.32 3.37 9.65
N HIS B 356 -11.92 2.76 10.67
CA HIS B 356 -12.79 1.60 10.41
C HIS B 356 -14.05 2.04 9.70
N SER B 357 -14.72 3.08 10.21
CA SER B 357 -15.94 3.57 9.58
CA SER B 357 -15.94 3.57 9.58
C SER B 357 -15.66 4.10 8.17
N ALA B 358 -14.59 4.86 8.00
CA ALA B 358 -14.34 5.48 6.70
C ALA B 358 -14.02 4.45 5.63
N THR B 359 -13.23 3.42 5.96
CA THR B 359 -12.92 2.41 4.95
C THR B 359 -14.14 1.56 4.60
N GLU B 360 -14.98 1.25 5.59
CA GLU B 360 -16.22 0.54 5.30
C GLU B 360 -17.12 1.35 4.39
N SER B 361 -17.27 2.64 4.67
CA SER B 361 -18.03 3.50 3.76
C SER B 361 -17.43 3.50 2.38
N PHE B 362 -16.10 3.53 2.27
CA PHE B 362 -15.51 3.60 0.95
C PHE B 362 -15.85 2.36 0.13
N ILE B 363 -15.81 1.17 0.74
CA ILE B 363 -16.15 -0.05 0.00
C ILE B 363 -17.59 0.03 -0.52
N LYS B 364 -18.52 0.45 0.33
CA LYS B 364 -19.89 0.65 -0.11
C LYS B 364 -19.97 1.69 -1.23
N HIS B 365 -19.23 2.79 -1.08
CA HIS B 365 -19.16 3.78 -2.14
C HIS B 365 -18.64 3.16 -3.43
N MET B 366 -17.54 2.42 -3.33
CA MET B 366 -16.90 1.86 -4.51
C MET B 366 -17.84 0.92 -5.25
N GLU B 367 -18.50 0.01 -4.51
CA GLU B 367 -19.42 -0.91 -5.15
C GLU B 367 -20.57 -0.16 -5.82
N ASN B 368 -21.09 0.88 -5.18
CA ASN B 368 -22.17 1.66 -5.78
C ASN B 368 -21.70 2.32 -7.07
N GLU B 369 -20.46 2.83 -7.07
CA GLU B 369 -19.90 3.45 -8.27
C GLU B 369 -19.71 2.44 -9.40
N TYR B 370 -19.29 1.22 -9.09
CA TYR B 370 -19.18 0.20 -10.12
C TYR B 370 -20.54 -0.06 -10.78
N ARG B 371 -21.61 -0.07 -9.99
CA ARG B 371 -22.94 -0.35 -10.53
C ARG B 371 -23.45 0.81 -11.40
N CYS B 372 -23.44 2.01 -10.86
CA CYS B 372 -24.10 3.12 -11.53
C CYS B 372 -23.19 3.88 -12.48
N ARG B 373 -21.87 3.78 -12.29
CA ARG B 373 -20.90 4.49 -13.12
C ARG B 373 -19.99 3.58 -13.94
N GLY B 374 -19.89 2.30 -13.61
CA GLY B 374 -19.01 1.40 -14.31
C GLY B 374 -17.58 1.38 -13.81
N GLY B 375 -17.32 1.94 -12.64
CA GLY B 375 -15.98 1.91 -12.09
C GLY B 375 -15.77 3.00 -11.08
N CYS B 376 -14.64 2.90 -10.39
CA CYS B 376 -14.25 3.88 -9.38
C CYS B 376 -12.74 3.81 -9.28
N PRO B 377 -12.03 4.77 -9.89
CA PRO B 377 -10.56 4.77 -9.77
C PRO B 377 -10.14 4.95 -8.33
N ALA B 378 -9.15 4.13 -7.92
CA ALA B 378 -8.79 4.09 -6.51
C ALA B 378 -7.32 3.67 -6.39
N ASP B 379 -6.62 4.37 -5.50
CA ASP B 379 -5.19 4.21 -5.29
C ASP B 379 -4.98 3.51 -3.95
N TRP B 380 -4.79 2.19 -4.02
CA TRP B 380 -4.69 1.36 -2.82
C TRP B 380 -3.63 1.92 -1.86
N VAL B 381 -2.51 2.39 -2.40
CA VAL B 381 -1.40 2.87 -1.58
C VAL B 381 -1.85 3.99 -0.66
N TRP B 382 -2.83 4.77 -1.11
CA TRP B 382 -3.34 5.89 -0.34
C TRP B 382 -4.64 5.59 0.39
N ILE B 383 -5.47 4.70 -0.16
CA ILE B 383 -6.74 4.39 0.47
C ILE B 383 -6.52 3.59 1.77
N VAL B 384 -5.56 2.68 1.78
CA VAL B 384 -5.37 1.87 3.00
C VAL B 384 -4.84 2.76 4.13
N PRO B 385 -5.46 2.73 5.31
CA PRO B 385 -5.06 3.63 6.39
C PRO B 385 -3.66 3.34 6.90
N PRO B 386 -3.01 4.33 7.53
CA PRO B 386 -1.61 4.18 7.94
C PRO B 386 -1.40 3.41 9.23
N MET B 387 -2.45 2.86 9.83
CA MET B 387 -2.31 1.87 10.90
C MET B 387 -3.35 0.77 10.70
N SER B 388 -3.07 -0.42 11.26
CA SER B 388 -4.06 -1.50 11.29
C SER B 388 -4.63 -1.80 9.91
N GLY B 389 -3.81 -1.64 8.87
CA GLY B 389 -4.27 -1.81 7.51
C GLY B 389 -5.11 -3.04 7.23
N SER B 390 -4.64 -4.24 7.62
CA SER B 390 -5.36 -5.42 7.16
C SER B 390 -6.64 -5.70 7.93
N ILE B 391 -6.91 -5.03 9.04
CA ILE B 391 -8.20 -5.26 9.70
C ILE B 391 -9.24 -4.26 9.20
N THR B 392 -8.89 -3.49 8.16
CA THR B 392 -9.90 -2.67 7.48
C THR B 392 -10.25 -3.32 6.14
N PRO B 393 -11.49 -3.17 5.66
CA PRO B 393 -11.91 -3.94 4.48
C PRO B 393 -11.23 -3.51 3.19
N VAL B 394 -10.62 -2.31 3.11
CA VAL B 394 -9.99 -1.90 1.86
C VAL B 394 -8.70 -2.68 1.59
N PHE B 395 -8.04 -3.18 2.64
CA PHE B 395 -6.76 -3.89 2.45
C PHE B 395 -6.92 -5.07 1.51
N HIS B 396 -8.02 -5.80 1.62
CA HIS B 396 -8.27 -6.99 0.83
C HIS B 396 -9.00 -6.70 -0.46
N GLN B 397 -9.19 -5.41 -0.79
CA GLN B 397 -9.94 -5.00 -1.96
C GLN B 397 -8.96 -4.68 -3.08
N GLU B 398 -9.05 -5.43 -4.18
CA GLU B 398 -8.36 -5.01 -5.40
C GLU B 398 -8.96 -3.70 -5.90
N MET B 399 -8.10 -2.83 -6.42
CA MET B 399 -8.48 -1.52 -6.95
C MET B 399 -7.75 -1.27 -8.25
N LEU B 400 -8.41 -0.55 -9.15
CA LEU B 400 -7.82 -0.11 -10.41
C LEU B 400 -7.61 1.40 -10.33
N ASN B 401 -6.41 1.87 -10.69
CA ASN B 401 -6.11 3.29 -10.61
C ASN B 401 -5.93 3.81 -12.02
N TYR B 402 -6.62 4.91 -12.34
CA TYR B 402 -6.52 5.57 -13.62
C TYR B 402 -6.99 7.01 -13.42
N ARG B 403 -6.72 7.86 -14.40
CA ARG B 403 -6.91 9.31 -14.27
C ARG B 403 -8.11 9.76 -15.07
N LEU B 404 -9.12 10.30 -14.38
CA LEU B 404 -10.27 10.91 -15.04
C LEU B 404 -10.26 12.42 -14.80
N THR B 405 -10.84 13.18 -15.74
CA THR B 405 -11.03 14.61 -15.53
C THR B 405 -12.52 14.91 -15.49
N PRO B 406 -12.93 15.97 -14.78
CA PRO B 406 -12.22 16.94 -13.94
C PRO B 406 -11.34 16.32 -12.85
N SER B 407 -10.26 16.99 -12.48
CA SER B 407 -9.33 16.43 -11.51
C SER B 407 -8.72 17.52 -10.65
N PHE B 408 -8.27 17.12 -9.47
CA PHE B 408 -7.33 17.88 -8.66
C PHE B 408 -5.92 17.39 -8.95
N GLU B 409 -5.01 18.33 -9.21
CA GLU B 409 -3.62 17.98 -9.48
C GLU B 409 -2.70 18.71 -8.51
N TYR B 410 -1.50 18.17 -8.36
CA TYR B 410 -0.44 18.86 -7.68
C TYR B 410 0.10 19.98 -8.56
N GLN B 411 0.73 20.97 -7.93
CA GLN B 411 1.36 22.04 -8.66
C GLN B 411 2.56 22.50 -7.86
N PRO B 412 3.54 23.12 -8.51
CA PRO B 412 4.74 23.57 -7.80
C PRO B 412 4.41 24.65 -6.78
N ASP B 413 5.14 24.62 -5.68
CA ASP B 413 4.97 25.64 -4.66
C ASP B 413 5.24 27.01 -5.28
N PRO B 414 4.47 28.04 -4.93
CA PRO B 414 4.56 29.31 -5.67
C PRO B 414 5.86 30.04 -5.45
N TRP B 415 6.48 29.93 -4.27
CA TRP B 415 7.74 30.64 -4.07
C TRP B 415 8.85 30.16 -4.98
N ASN B 416 8.69 28.98 -5.60
CA ASN B 416 9.71 28.51 -6.53
C ASN B 416 9.52 29.06 -7.94
N THR B 417 8.31 29.50 -8.28
CA THR B 417 8.03 30.00 -9.62
C THR B 417 7.63 31.47 -9.68
N HIS B 418 7.32 32.10 -8.55
CA HIS B 418 6.78 33.45 -8.59
C HIS B 418 7.86 34.47 -8.96
N VAL B 419 7.51 35.38 -9.87
CA VAL B 419 8.38 36.50 -10.21
C VAL B 419 8.05 37.66 -9.28
N TRP B 420 9.00 38.05 -8.44
CA TRP B 420 8.72 39.04 -7.41
C TRP B 420 8.67 40.44 -8.01
N LYS B 421 7.60 41.16 -7.69
CA LYS B 421 7.42 42.54 -8.15
C LYS B 421 8.35 43.49 -7.41
N GLY B 422 8.45 43.34 -6.09
CA GLY B 422 9.25 44.24 -5.28
C GLY B 422 8.43 45.31 -4.57
CHA HEM C . 6.76 -12.75 0.51
CHB HEM C . 9.09 -12.31 4.73
CHC HEM C . 12.31 -15.61 3.24
CHD HEM C . 10.28 -15.80 -1.11
C1A HEM C . 7.00 -12.45 1.83
C2A HEM C . 6.11 -11.82 2.81
C3A HEM C . 6.76 -11.71 3.97
C4A HEM C . 8.09 -12.25 3.79
CMA HEM C . 6.20 -11.11 5.28
CAA HEM C . 4.65 -11.39 2.58
CBA HEM C . 3.86 -12.68 2.42
CGA HEM C . 2.48 -12.56 3.03
O1A HEM C . 2.14 -11.46 3.54
O2A HEM C . 1.74 -13.57 3.00
C1B HEM C . 10.16 -13.16 4.69
C2B HEM C . 11.11 -13.37 5.76
C3B HEM C . 11.99 -14.28 5.37
C4B HEM C . 11.65 -14.67 4.01
CMB HEM C . 11.10 -12.70 7.16
CAB HEM C . 13.15 -14.77 6.27
CBB HEM C . 14.13 -15.60 5.86
C1C HEM C . 12.03 -16.01 1.97
C2C HEM C . 12.71 -17.06 1.22
C3C HEM C . 12.13 -17.13 0.00
C4C HEM C . 11.10 -16.11 -0.07
CMC HEM C . 13.85 -17.93 1.82
CAC HEM C . 12.48 -18.05 -1.20
CBC HEM C . 13.69 -18.59 -1.32
C1D HEM C . 9.16 -14.97 -1.02
C2D HEM C . 8.24 -14.73 -2.12
C3D HEM C . 7.29 -13.90 -1.68
C4D HEM C . 7.55 -13.58 -0.28
CMD HEM C . 8.36 -15.32 -3.55
CAD HEM C . 6.12 -13.36 -2.52
CBD HEM C . 5.13 -14.44 -2.89
CGD HEM C . 4.13 -13.82 -3.83
O1D HEM C . 4.53 -13.23 -4.89
O2D HEM C . 2.93 -13.92 -3.49
NA HEM C . 8.19 -12.67 2.48
NB HEM C . 10.52 -13.95 3.62
NC HEM C . 11.08 -15.47 1.15
ND HEM C . 8.72 -14.24 0.09
FE HEM C . 9.82 -13.83 1.66
N1 H4B D . 0.40 -7.70 1.42
C2 H4B D . 0.94 -8.84 1.91
N2 H4B D . 2.15 -8.78 2.53
N3 H4B D . 0.28 -10.02 1.81
C4 H4B D . -0.93 -10.08 1.19
O4 H4B D . -1.55 -11.16 1.08
C4A H4B D . -1.49 -8.93 0.66
C8A H4B D . -0.80 -7.73 0.81
N5 H4B D . -2.68 -8.98 0.05
N8 H4B D . -1.32 -6.59 0.30
C6 H4B D . -2.97 -7.92 -0.90
C7 H4B D . -2.64 -6.57 -0.33
C9 H4B D . -4.43 -7.92 -1.31
O9 H4B D . -5.21 -7.89 -0.11
C10 H4B D . -4.75 -6.69 -2.17
C11 H4B D . -6.24 -6.56 -2.39
O10 H4B D . -4.07 -6.78 -3.44
C02 V0P E . -5.32 -17.09 -1.95
C03 V0P E . -6.58 -17.67 -1.87
C04 V0P E . -7.45 -17.29 -0.86
C05 V0P E . -7.04 -16.33 0.07
C06 V0P E . -5.77 -15.77 -0.04
C07 V0P E . -5.32 -14.73 0.97
C09 V0P E . -3.19 -13.78 0.07
C10 V0P E . -2.59 -15.06 0.66
C12 V0P E . -0.17 -15.23 0.25
C13 V0P E . -0.23 -15.19 -1.14
C14 V0P E . 0.87 -15.60 -1.89
C15 V0P E . 2.03 -16.04 -1.25
C16 V0P E . 2.09 -16.10 0.13
C18 V0P E . 4.45 -15.96 0.30
C19 V0P E . 5.62 -16.17 1.23
C20 V0P E . 6.76 -16.73 0.67
C21 V0P E . 7.89 -16.96 1.42
C22 V0P E . 7.91 -16.60 2.75
C23 V0P E . 9.06 -16.85 3.48
C24 V0P E . 9.10 -16.50 4.82
C25 V0P E . 7.97 -15.90 5.38
C28 V0P E . 6.79 -16.01 3.33
C29 V0P E . 5.62 -15.79 2.58
C30 V0P E . 0.99 -15.68 0.88
N01 V0P E . -4.45 -17.45 -2.93
N08 V0P E . -4.63 -13.58 0.34
N26 V0P E . 8.01 -15.56 6.69
N27 V0P E . 6.86 -15.68 4.65
N31 V0P E . -4.96 -16.17 -1.04
O11 V0P E . -1.23 -14.82 1.01
O17 V0P E . 3.24 -16.53 0.75
C ACT F . 15.01 -10.56 8.72
O ACT F . 15.20 -11.09 9.84
OXT ACT F . 15.19 -9.34 8.50
CH3 ACT F . 14.55 -11.44 7.59
ZN ZN G . 1.23 0.37 -11.93
CHA HEM H . -7.05 12.50 0.02
CHB HEM H . -10.20 11.71 3.58
CHC HEM H . -13.03 15.22 1.76
CHD HEM H . -10.11 15.72 -2.03
C1A HEM H . -7.58 12.10 1.23
C2A HEM H . -6.92 11.35 2.29
C3A HEM H . -7.78 11.15 3.30
C4A HEM H . -9.04 11.73 2.87
CMA HEM H . -7.55 10.42 4.63
CAA HEM H . -5.44 10.95 2.31
CBA HEM H . -4.88 12.07 3.17
CGA HEM H . -3.41 11.95 3.46
O1A HEM H . -2.97 10.91 3.97
O2A HEM H . -2.71 12.95 3.18
C1B HEM H . -11.23 12.59 3.38
C2B HEM H . -12.36 12.73 4.27
C3B HEM H . -13.16 13.68 3.78
C4B HEM H . -12.54 14.20 2.55
CMB HEM H . -12.62 11.92 5.56
CAB HEM H . -14.47 14.11 4.47
CBB HEM H . -15.38 14.87 3.87
C1C HEM H . -12.48 15.71 0.59
C2C HEM H . -12.99 16.82 -0.20
C3C HEM H . -12.18 16.98 -1.25
C4C HEM H . -11.14 15.94 -1.16
CMC HEM H . -14.22 17.67 0.19
CAC HEM H . -12.25 17.97 -2.44
CBC HEM H . -13.38 18.64 -2.75
C1D HEM H . -9.05 14.86 -1.80
C2D HEM H . -7.92 14.69 -2.69
C3D HEM H . -7.08 13.81 -2.14
C4D HEM H . -7.62 13.40 -0.86
CMD HEM H . -7.71 15.40 -4.05
CAD HEM H . -5.75 13.36 -2.82
CBD HEM H . -4.60 14.09 -2.14
CGD HEM H . -3.32 13.91 -2.91
O1D HEM H . -3.32 13.40 -4.06
O2D HEM H . -2.27 14.29 -2.36
NA HEM H . -8.87 12.28 1.63
NB HEM H . -11.35 13.50 2.33
NC HEM H . -11.36 15.22 -0.02
ND HEM H . -8.83 14.05 -0.69
FE HEM H . -10.26 13.51 0.60
N1 H4B I . -1.04 7.22 1.94
C2 H4B I . -1.68 8.33 2.42
N2 H4B I . -3.00 8.26 2.72
N3 H4B I . -1.01 9.49 2.60
C4 H4B I . 0.30 9.59 2.30
O4 H4B I . 0.91 10.67 2.47
C4A H4B I . 0.95 8.48 1.80
C8A H4B I . 0.27 7.29 1.63
N5 H4B I . 2.27 8.55 1.49
N8 H4B I . 0.90 6.20 1.15
C6 H4B I . 2.75 7.58 0.51
C7 H4B I . 2.34 6.18 0.94
C9 H4B I . 4.26 7.67 0.32
O9 H4B I . 4.86 7.62 1.62
C10 H4B I . 4.82 6.50 -0.50
C11 H4B I . 6.34 6.55 -0.56
O10 H4B I . 4.28 6.51 -1.83
C02 V0P J . 6.72 17.15 1.46
C03 V0P J . 7.99 17.47 1.92
C04 V0P J . 8.53 16.77 3.00
C05 V0P J . 7.79 15.76 3.58
C06 V0P J . 6.52 15.45 3.09
C07 V0P J . 5.74 14.34 3.75
C09 V0P J . 3.41 14.64 3.19
C10 V0P J . 2.23 13.99 2.48
C12 V0P J . 0.09 14.98 2.03
C13 V0P J . 0.46 15.11 0.69
C14 V0P J . -0.48 15.53 -0.24
C15 V0P J . -1.78 15.83 0.17
C16 V0P J . -2.15 15.72 1.50
C18 V0P J . -4.43 15.42 1.02
C19 V0P J . -5.83 15.67 1.49
C20 V0P J . -6.69 16.36 0.66
C21 V0P J . -8.00 16.61 1.07
C22 V0P J . -8.44 16.17 2.29
C23 V0P J . -9.74 16.43 2.69
C24 V0P J . -10.18 15.98 3.93
C25 V0P J . -9.31 15.27 4.75
C28 V0P J . -7.58 15.46 3.13
C29 V0P J . -6.27 15.22 2.73
C30 V0P J . -1.21 15.30 2.44
N01 V0P J . 6.20 17.83 0.41
N08 V0P J . 4.64 13.90 2.87
N26 V0P J . -9.71 14.81 5.96
N27 V0P J . -8.03 15.04 4.33
N31 V0P J . 6.02 16.14 2.04
O11 V0P J . 1.02 14.58 2.94
O17 V0P J . -3.45 16.02 1.85
C ACT K . -16.88 9.50 5.92
O ACT K . -17.37 8.37 6.16
OXT ACT K . -16.88 10.42 6.77
CH3 ACT K . -16.07 9.68 4.68
#